data_3HG5
#
_entry.id   3HG5
#
_cell.length_a   90.813
_cell.length_b   90.813
_cell.length_c   217.166
_cell.angle_alpha   90.000
_cell.angle_beta   90.000
_cell.angle_gamma   120.000
#
_symmetry.space_group_name_H-M   'P 32 2 1'
#
loop_
_entity.id
_entity.type
_entity.pdbx_description
1 polymer 'Alpha-galactosidase A'
2 branched beta-D-mannopyranose-(1-4)-2-acetamido-2-deoxy-beta-D-glucopyranose-(1-4)-2-acetamido-2-deoxy-beta-D-glucopyranose
3 branched alpha-D-mannopyranose-(1-3)-beta-D-mannopyranose-(1-4)-2-acetamido-2-deoxy-beta-D-glucopyranose-(1-4)-2-acetamido-2-deoxy-beta-D-glucopyranose
4 non-polymer 2-acetamido-2-deoxy-beta-D-glucopyranose
5 non-polymer alpha-D-galactopyranose
6 non-polymer 'SULFATE ION'
7 non-polymer 'ACETIC ACID'
8 non-polymer beta-D-galactopyranose
9 water water
#
_entity_poly.entity_id   1
_entity_poly.type   'polypeptide(L)'
_entity_poly.pdbx_seq_one_letter_code
;LDNGLARTPTMGWLHWERFMCNLDCQEEPDSCISEKLFMEMAELMVSEGWKDAGYEYLCIDDCWMAPQRDSEGRLQADPQ
RFPHGIRQLANYVHSKGLKLGIYADVGNKTCAGFPGSFGYYDIDAQTFADWGVDLLKFDGCYCDSLENLADGYKHMSLAL
NRTGRSIVYSCEWPLYMWPFQKPNYTEIRQYCNHWRNFADIDDSWKSIKSILDWTSFNQERIVDVAGPGGWNDPDMLVIG
NFGLSWNQQVTQMALWAIMAAPLFMSNDLRHISPQAKALLQDKDVIAINQDPLGKQGYQLRQGDNFEVWERPLSGLAWAV
AMINRQEIGGPRSYTIAVASLGKGVACNPACFITQLLPVKRKLGFYEWTSRLRSHINPTGTVLLQLENTMQMSLKDLL
;
_entity_poly.pdbx_strand_id   A,B
#
# COMPACT_ATOMS: atom_id res chain seq x y z
N LEU A 1 -16.66 -22.57 -21.53
CA LEU A 1 -17.81 -23.53 -21.37
C LEU A 1 -19.02 -23.05 -22.16
N ASP A 2 -19.51 -23.92 -23.04
CA ASP A 2 -20.60 -23.61 -23.96
C ASP A 2 -22.01 -23.67 -23.32
N ASN A 3 -22.18 -23.16 -22.10
CA ASN A 3 -23.48 -23.23 -21.42
C ASN A 3 -24.36 -21.97 -21.56
N GLY A 4 -23.97 -21.05 -22.45
CA GLY A 4 -24.68 -19.77 -22.59
C GLY A 4 -24.45 -18.79 -21.45
N LEU A 5 -23.58 -19.14 -20.51
CA LEU A 5 -23.29 -18.30 -19.35
C LEU A 5 -21.92 -17.64 -19.47
N ALA A 6 -21.70 -16.63 -18.62
CA ALA A 6 -20.45 -15.86 -18.58
C ALA A 6 -20.01 -15.37 -19.97
N ARG A 7 -20.98 -14.87 -20.73
CA ARG A 7 -20.73 -14.29 -22.05
C ARG A 7 -19.88 -13.03 -21.92
N THR A 8 -20.00 -12.36 -20.77
CA THR A 8 -19.03 -11.36 -20.33
C THR A 8 -18.48 -11.87 -18.98
N PRO A 9 -17.31 -11.37 -18.54
CA PRO A 9 -16.80 -11.82 -17.23
C PRO A 9 -17.85 -11.64 -16.10
N THR A 10 -17.99 -12.67 -15.26
CA THR A 10 -18.92 -12.64 -14.13
C THR A 10 -18.60 -11.50 -13.16
N MET A 11 -19.65 -10.85 -12.67
CA MET A 11 -19.51 -9.78 -11.70
C MET A 11 -20.32 -10.10 -10.45
N GLY A 12 -19.71 -9.90 -9.30
CA GLY A 12 -20.37 -10.15 -8.03
C GLY A 12 -19.56 -9.83 -6.79
N TRP A 13 -19.94 -10.48 -5.70
CA TRP A 13 -19.32 -10.32 -4.40
C TRP A 13 -19.04 -11.72 -3.86
N LEU A 14 -17.85 -11.90 -3.28
CA LEU A 14 -17.43 -13.19 -2.76
C LEU A 14 -16.81 -12.97 -1.40
N HIS A 15 -17.16 -13.79 -0.42
CA HIS A 15 -16.80 -13.49 0.96
C HIS A 15 -15.35 -13.70 1.36
N TRP A 16 -14.61 -14.52 0.60
CA TRP A 16 -13.36 -15.09 1.11
C TRP A 16 -12.32 -14.11 1.67
N GLU A 17 -11.87 -13.17 0.85
CA GLU A 17 -10.69 -12.39 1.22
C GLU A 17 -10.96 -11.55 2.45
N ARG A 18 -12.11 -10.90 2.52
CA ARG A 18 -12.44 -10.02 3.64
C ARG A 18 -12.90 -10.77 4.88
N PHE A 19 -13.72 -11.81 4.69
CA PHE A 19 -14.38 -12.49 5.82
C PHE A 19 -13.81 -13.86 6.18
N MET A 20 -13.19 -14.53 5.22
CA MET A 20 -12.39 -15.75 5.48
C MET A 20 -13.21 -16.90 6.05
N CYS A 21 -12.64 -17.63 7.02
CA CYS A 21 -13.31 -18.75 7.66
C CYS A 21 -13.63 -18.43 9.13
N ASN A 22 -14.28 -17.28 9.34
CA ASN A 22 -14.68 -16.84 10.68
C ASN A 22 -15.94 -17.59 11.12
N LEU A 23 -15.76 -18.51 12.05
CA LEU A 23 -16.86 -19.33 12.56
C LEU A 23 -17.33 -18.81 13.92
N ASP A 24 -16.69 -17.75 14.39
CA ASP A 24 -16.93 -17.24 15.74
C ASP A 24 -18.14 -16.30 15.82
N CYS A 25 -19.33 -16.86 15.68
CA CYS A 25 -20.55 -16.06 15.66
C CYS A 25 -20.95 -15.51 17.02
N GLN A 26 -20.35 -16.07 18.07
CA GLN A 26 -20.62 -15.65 19.45
C GLN A 26 -19.92 -14.35 19.80
N GLU A 27 -18.63 -14.25 19.48
CA GLU A 27 -17.85 -13.04 19.74
C GLU A 27 -18.02 -12.03 18.62
N GLU A 28 -18.17 -12.53 17.39
CA GLU A 28 -18.24 -11.67 16.21
C GLU A 28 -19.42 -12.00 15.31
N PRO A 29 -20.65 -11.78 15.82
CA PRO A 29 -21.88 -12.14 15.10
C PRO A 29 -22.06 -11.43 13.76
N ASP A 30 -21.39 -10.29 13.59
CA ASP A 30 -21.59 -9.47 12.40
C ASP A 30 -20.55 -9.68 11.30
N SER A 31 -19.51 -10.47 11.60
CA SER A 31 -18.51 -10.79 10.59
C SER A 31 -18.25 -12.30 10.42
N CYS A 32 -18.88 -13.14 11.24
CA CYS A 32 -18.77 -14.59 11.04
C CYS A 32 -19.46 -15.01 9.76
N ILE A 33 -19.12 -16.19 9.25
CA ILE A 33 -19.72 -16.71 8.02
C ILE A 33 -21.09 -17.28 8.38
N SER A 34 -22.12 -16.52 8.05
CA SER A 34 -23.49 -16.85 8.44
C SER A 34 -24.46 -16.37 7.38
N GLU A 35 -25.65 -16.96 7.41
CA GLU A 35 -26.82 -16.52 6.65
C GLU A 35 -27.03 -15.01 6.74
N LYS A 36 -26.94 -14.46 7.95
CA LYS A 36 -27.12 -13.03 8.18
C LYS A 36 -26.14 -12.17 7.38
N LEU A 37 -24.85 -12.52 7.39
CA LEU A 37 -23.85 -11.80 6.61
C LEU A 37 -24.26 -11.70 5.14
N PHE A 38 -24.72 -12.82 4.59
CA PHE A 38 -25.14 -12.85 3.19
C PHE A 38 -26.43 -12.09 2.92
N MET A 39 -27.32 -12.03 3.91
CA MET A 39 -28.53 -11.20 3.79
C MET A 39 -28.18 -9.72 3.82
N GLU A 40 -27.23 -9.34 4.66
CA GLU A 40 -26.84 -7.93 4.77
C GLU A 40 -26.23 -7.41 3.46
N MET A 41 -25.35 -8.21 2.86
CA MET A 41 -24.73 -7.89 1.58
C MET A 41 -25.74 -7.84 0.44
N ALA A 42 -26.66 -8.81 0.41
CA ALA A 42 -27.72 -8.87 -0.62
C ALA A 42 -28.53 -7.59 -0.64
N GLU A 43 -28.92 -7.13 0.54
CA GLU A 43 -29.66 -5.87 0.71
C GLU A 43 -28.90 -4.65 0.23
N LEU A 44 -27.60 -4.59 0.52
CA LEU A 44 -26.76 -3.46 0.10
C LEU A 44 -26.42 -3.50 -1.37
N MET A 45 -26.32 -4.70 -1.93
CA MET A 45 -26.10 -4.85 -3.37
C MET A 45 -27.23 -4.21 -4.17
N VAL A 46 -28.47 -4.41 -3.71
CA VAL A 46 -29.62 -3.72 -4.28
C VAL A 46 -29.59 -2.21 -3.94
N SER A 47 -29.51 -1.88 -2.65
CA SER A 47 -29.79 -0.52 -2.19
C SER A 47 -28.66 0.48 -2.43
N GLU A 48 -27.44 -0.02 -2.65
CA GLU A 48 -26.27 0.85 -2.86
C GLU A 48 -25.78 0.85 -4.30
N GLY A 49 -26.63 0.38 -5.22
CA GLY A 49 -26.36 0.48 -6.65
C GLY A 49 -25.36 -0.54 -7.22
N TRP A 50 -25.00 -1.54 -6.44
CA TRP A 50 -24.07 -2.57 -6.90
C TRP A 50 -24.65 -3.43 -8.01
N LYS A 51 -25.90 -3.84 -7.81
CA LYS A 51 -26.64 -4.64 -8.78
C LYS A 51 -26.82 -3.86 -10.09
N ASP A 52 -27.23 -2.59 -9.97
CA ASP A 52 -27.39 -1.69 -11.11
C ASP A 52 -26.11 -1.53 -11.93
N ALA A 53 -24.96 -1.70 -11.29
CA ALA A 53 -23.66 -1.57 -11.95
C ALA A 53 -23.16 -2.89 -12.57
N GLY A 54 -23.82 -4.00 -12.25
CA GLY A 54 -23.54 -5.29 -12.87
C GLY A 54 -23.20 -6.40 -11.89
N TYR A 55 -22.95 -6.04 -10.63
CA TYR A 55 -22.61 -7.03 -9.62
C TYR A 55 -23.87 -7.81 -9.22
N GLU A 56 -23.98 -9.02 -9.77
CA GLU A 56 -25.22 -9.78 -9.79
C GLU A 56 -25.13 -11.05 -8.93
N TYR A 57 -23.94 -11.63 -8.84
CA TYR A 57 -23.73 -12.84 -8.08
C TYR A 57 -23.23 -12.59 -6.65
N LEU A 58 -24.08 -12.93 -5.68
CA LEU A 58 -23.68 -12.95 -4.28
C LEU A 58 -23.18 -14.35 -3.95
N CYS A 59 -21.88 -14.46 -3.69
CA CYS A 59 -21.24 -15.78 -3.60
C CYS A 59 -20.72 -16.12 -2.23
N ILE A 60 -21.10 -17.32 -1.78
CA ILE A 60 -20.55 -17.95 -0.60
C ILE A 60 -19.27 -18.71 -0.97
N ASP A 61 -18.21 -18.48 -0.22
CA ASP A 61 -16.97 -19.20 -0.40
C ASP A 61 -16.93 -20.38 0.61
N ASP A 62 -15.72 -20.77 1.04
CA ASP A 62 -15.54 -21.90 1.94
C ASP A 62 -16.14 -21.61 3.33
N CYS A 63 -16.37 -22.67 4.11
CA CYS A 63 -16.80 -22.58 5.51
C CYS A 63 -18.29 -22.26 5.69
N TRP A 64 -19.12 -22.72 4.75
CA TRP A 64 -20.57 -22.67 4.90
C TRP A 64 -21.14 -24.00 5.41
N MET A 65 -20.38 -25.07 5.18
CA MET A 65 -20.84 -26.44 5.41
C MET A 65 -20.94 -26.86 6.88
N ALA A 66 -21.91 -27.71 7.18
CA ALA A 66 -21.92 -28.50 8.40
C ALA A 66 -20.74 -29.48 8.30
N PRO A 67 -20.17 -29.89 9.46
CA PRO A 67 -18.99 -30.78 9.48
C PRO A 67 -19.15 -32.10 8.72
N GLN A 68 -20.39 -32.56 8.55
CA GLN A 68 -20.65 -33.82 7.88
C GLN A 68 -21.91 -33.74 7.01
N ARG A 69 -22.04 -34.71 6.11
CA ARG A 69 -23.20 -34.82 5.22
C ARG A 69 -24.47 -35.21 5.99
N ASP A 70 -25.64 -35.04 5.38
CA ASP A 70 -26.89 -35.42 6.04
C ASP A 70 -27.17 -36.93 5.98
N SER A 71 -28.33 -37.34 6.48
CA SER A 71 -28.73 -38.75 6.52
C SER A 71 -28.69 -39.40 5.14
N GLU A 72 -28.94 -38.60 4.12
CA GLU A 72 -29.02 -39.07 2.74
C GLU A 72 -27.73 -38.86 1.94
N GLY A 73 -26.66 -38.49 2.65
CA GLY A 73 -25.33 -38.32 2.04
C GLY A 73 -25.19 -37.05 1.21
N ARG A 74 -26.00 -36.04 1.52
CA ARG A 74 -25.95 -34.76 0.83
C ARG A 74 -25.23 -33.71 1.67
N LEU A 75 -24.58 -32.77 0.99
CA LEU A 75 -23.98 -31.62 1.67
C LEU A 75 -25.07 -30.82 2.40
N GLN A 76 -24.73 -30.30 3.57
CA GLN A 76 -25.64 -29.41 4.28
C GLN A 76 -24.92 -28.20 4.86
N ALA A 77 -25.62 -27.07 4.90
CA ALA A 77 -25.12 -25.85 5.49
C ALA A 77 -25.13 -25.99 7.01
N ASP A 78 -24.21 -25.30 7.67
CA ASP A 78 -24.10 -25.37 9.13
C ASP A 78 -25.44 -25.01 9.76
N PRO A 79 -25.93 -25.86 10.70
CA PRO A 79 -27.26 -25.63 11.27
C PRO A 79 -27.41 -24.36 12.11
N GLN A 80 -26.37 -23.95 12.83
CA GLN A 80 -26.42 -22.74 13.65
C GLN A 80 -26.19 -21.47 12.85
N ARG A 81 -25.26 -21.53 11.88
CA ARG A 81 -24.87 -20.34 11.10
C ARG A 81 -25.76 -20.14 9.85
N PHE A 82 -26.29 -21.23 9.33
CA PHE A 82 -27.25 -21.18 8.22
C PHE A 82 -28.53 -21.92 8.59
N PRO A 83 -29.26 -21.43 9.63
CA PRO A 83 -30.41 -22.14 10.17
C PRO A 83 -31.50 -22.46 9.13
N HIS A 84 -31.69 -21.58 8.15
CA HIS A 84 -32.77 -21.79 7.17
C HIS A 84 -32.36 -22.63 5.96
N GLY A 85 -31.05 -22.86 5.82
CA GLY A 85 -30.52 -23.66 4.73
C GLY A 85 -30.32 -22.85 3.47
N ILE A 86 -29.62 -23.44 2.51
CA ILE A 86 -29.21 -22.71 1.32
C ILE A 86 -30.39 -22.44 0.37
N ARG A 87 -31.28 -23.41 0.20
CA ARG A 87 -32.43 -23.20 -0.69
C ARG A 87 -33.22 -21.95 -0.28
N GLN A 88 -33.51 -21.83 1.01
CA GLN A 88 -34.13 -20.63 1.57
C GLN A 88 -33.29 -19.37 1.35
N LEU A 89 -31.97 -19.46 1.52
CA LEU A 89 -31.10 -18.32 1.24
C LEU A 89 -31.16 -17.93 -0.23
N ALA A 90 -31.15 -18.94 -1.10
CA ALA A 90 -31.25 -18.71 -2.53
C ALA A 90 -32.59 -18.08 -2.91
N ASN A 91 -33.67 -18.52 -2.26
CA ASN A 91 -34.99 -17.89 -2.42
C ASN A 91 -34.93 -16.42 -2.13
N TYR A 92 -34.35 -16.08 -0.98
CA TYR A 92 -34.22 -14.70 -0.54
C TYR A 92 -33.42 -13.85 -1.54
N VAL A 93 -32.26 -14.37 -1.94
CA VAL A 93 -31.37 -13.68 -2.88
C VAL A 93 -32.05 -13.46 -4.24
N HIS A 94 -32.74 -14.49 -4.73
CA HIS A 94 -33.53 -14.36 -5.97
C HIS A 94 -34.63 -13.30 -5.89
N SER A 95 -35.29 -13.19 -4.73
CA SER A 95 -36.36 -12.21 -4.54
C SER A 95 -35.81 -10.77 -4.58
N LYS A 96 -34.50 -10.64 -4.36
CA LYS A 96 -33.77 -9.37 -4.51
C LYS A 96 -33.25 -9.16 -5.94
N GLY A 97 -33.60 -10.07 -6.84
CA GLY A 97 -33.12 -10.02 -8.22
C GLY A 97 -31.65 -10.36 -8.38
N LEU A 98 -31.08 -11.05 -7.40
CA LEU A 98 -29.66 -11.42 -7.44
C LEU A 98 -29.50 -12.93 -7.66
N LYS A 99 -28.26 -13.37 -7.79
CA LYS A 99 -27.97 -14.80 -7.96
C LYS A 99 -27.03 -15.32 -6.88
N LEU A 100 -27.19 -16.58 -6.53
CA LEU A 100 -26.41 -17.19 -5.43
C LEU A 100 -25.26 -18.06 -5.91
N GLY A 101 -24.07 -17.72 -5.45
CA GLY A 101 -22.90 -18.56 -5.67
C GLY A 101 -22.59 -19.38 -4.45
N ILE A 102 -22.10 -20.59 -4.67
CA ILE A 102 -21.64 -21.43 -3.57
C ILE A 102 -20.27 -22.00 -3.89
N TYR A 103 -19.71 -22.77 -2.95
CA TYR A 103 -18.35 -23.30 -3.03
C TYR A 103 -18.33 -24.80 -2.69
N ALA A 104 -17.56 -25.54 -3.48
CA ALA A 104 -17.23 -26.93 -3.17
C ALA A 104 -15.79 -27.25 -3.60
N ASP A 105 -15.39 -28.50 -3.43
CA ASP A 105 -14.00 -28.89 -3.67
C ASP A 105 -13.98 -30.23 -4.40
N VAL A 106 -13.05 -30.36 -5.35
CA VAL A 106 -12.93 -31.54 -6.20
C VAL A 106 -12.38 -32.75 -5.42
N GLY A 107 -11.60 -32.47 -4.38
CA GLY A 107 -10.97 -33.51 -3.57
C GLY A 107 -11.81 -34.04 -2.43
N ASN A 108 -11.12 -34.60 -1.43
CA ASN A 108 -11.78 -35.27 -0.31
C ASN A 108 -12.25 -34.34 0.80
N LYS A 109 -11.65 -33.15 0.84
CA LYS A 109 -12.04 -32.08 1.76
C LYS A 109 -11.89 -30.75 1.05
N THR A 110 -12.66 -29.75 1.50
CA THR A 110 -12.41 -28.36 1.10
C THR A 110 -11.09 -27.89 1.70
N CYS A 111 -10.57 -26.76 1.21
CA CYS A 111 -9.31 -26.23 1.72
C CYS A 111 -9.36 -25.87 3.19
N ALA A 112 -10.54 -25.51 3.69
CA ALA A 112 -10.70 -25.25 5.12
C ALA A 112 -10.99 -26.52 5.93
N GLY A 113 -11.19 -27.66 5.24
CA GLY A 113 -11.28 -28.96 5.91
C GLY A 113 -12.69 -29.52 6.07
N PHE A 114 -13.64 -28.93 5.35
CA PHE A 114 -15.03 -29.39 5.37
C PHE A 114 -15.27 -30.45 4.28
N PRO A 115 -16.48 -31.04 4.22
CA PRO A 115 -16.72 -32.13 3.26
C PRO A 115 -16.37 -31.82 1.80
N GLY A 116 -15.52 -32.67 1.22
CA GLY A 116 -15.16 -32.58 -0.18
C GLY A 116 -16.19 -33.30 -1.04
N SER A 117 -16.12 -33.08 -2.35
CA SER A 117 -17.14 -33.60 -3.26
C SER A 117 -16.73 -34.88 -3.96
N PHE A 118 -15.47 -35.29 -3.81
CA PHE A 118 -14.98 -36.53 -4.44
C PHE A 118 -15.83 -37.72 -4.03
N GLY A 119 -16.38 -38.41 -5.03
CA GLY A 119 -17.27 -39.56 -4.80
C GLY A 119 -18.73 -39.17 -4.75
N TYR A 120 -19.01 -37.88 -4.86
CA TYR A 120 -20.36 -37.33 -4.71
C TYR A 120 -20.74 -36.31 -5.79
N TYR A 121 -19.96 -36.26 -6.88
CA TYR A 121 -20.12 -35.20 -7.89
C TYR A 121 -21.54 -35.03 -8.43
N ASP A 122 -22.21 -36.14 -8.73
CA ASP A 122 -23.58 -36.11 -9.26
C ASP A 122 -24.60 -35.74 -8.17
N ILE A 123 -24.42 -36.30 -6.98
CA ILE A 123 -25.24 -35.96 -5.82
C ILE A 123 -25.14 -34.46 -5.57
N ASP A 124 -23.91 -33.97 -5.43
CA ASP A 124 -23.65 -32.57 -5.12
C ASP A 124 -24.16 -31.61 -6.18
N ALA A 125 -23.96 -31.95 -7.45
CA ALA A 125 -24.49 -31.12 -8.54
C ALA A 125 -26.02 -31.01 -8.49
N GLN A 126 -26.70 -32.13 -8.20
CA GLN A 126 -28.16 -32.15 -8.15
C GLN A 126 -28.71 -31.41 -6.95
N THR A 127 -28.07 -31.54 -5.79
CA THR A 127 -28.50 -30.78 -4.62
C THR A 127 -28.29 -29.26 -4.83
N PHE A 128 -27.17 -28.90 -5.44
CA PHE A 128 -26.92 -27.50 -5.82
C PHE A 128 -28.05 -26.93 -6.70
N ALA A 129 -28.43 -27.65 -7.75
CA ALA A 129 -29.51 -27.23 -8.63
C ALA A 129 -30.85 -27.16 -7.89
N ASP A 130 -31.14 -28.18 -7.07
CA ASP A 130 -32.36 -28.20 -6.25
C ASP A 130 -32.42 -27.01 -5.28
N TRP A 131 -31.27 -26.63 -4.72
CA TRP A 131 -31.20 -25.44 -3.87
C TRP A 131 -31.45 -24.13 -4.63
N GLY A 132 -31.35 -24.18 -5.95
CA GLY A 132 -31.46 -22.97 -6.77
C GLY A 132 -30.18 -22.17 -6.84
N VAL A 133 -29.05 -22.85 -6.63
CA VAL A 133 -27.70 -22.26 -6.77
C VAL A 133 -27.47 -21.82 -8.21
N ASP A 134 -26.77 -20.70 -8.38
CA ASP A 134 -26.58 -20.10 -9.71
C ASP A 134 -25.12 -20.10 -10.16
N LEU A 135 -24.21 -20.34 -9.23
CA LEU A 135 -22.77 -20.36 -9.52
C LEU A 135 -22.09 -21.31 -8.55
N LEU A 136 -21.10 -22.06 -9.06
CA LEU A 136 -20.31 -22.94 -8.22
C LEU A 136 -18.83 -22.65 -8.39
N LYS A 137 -18.19 -22.29 -7.27
CA LYS A 137 -16.74 -22.21 -7.21
C LYS A 137 -16.22 -23.56 -6.73
N PHE A 138 -15.42 -24.19 -7.58
CA PHE A 138 -14.95 -25.56 -7.37
C PHE A 138 -13.44 -25.60 -7.17
N ASP A 139 -13.04 -25.75 -5.92
CA ASP A 139 -11.64 -25.66 -5.49
C ASP A 139 -10.92 -27.00 -5.67
N GLY A 140 -9.60 -27.00 -5.46
CA GLY A 140 -8.77 -28.15 -5.76
C GLY A 140 -7.96 -28.82 -4.64
N CYS A 141 -8.26 -28.48 -3.38
CA CYS A 141 -7.55 -29.07 -2.24
C CYS A 141 -7.82 -30.55 -2.02
N TYR A 142 -6.88 -31.21 -1.34
CA TYR A 142 -7.00 -32.62 -0.95
C TYR A 142 -7.41 -33.53 -2.11
N CYS A 143 -6.70 -33.36 -3.23
CA CYS A 143 -6.85 -34.19 -4.41
C CYS A 143 -5.50 -34.87 -4.66
N ASP A 144 -5.46 -36.19 -4.52
CA ASP A 144 -4.18 -36.92 -4.41
C ASP A 144 -3.43 -37.17 -5.73
N SER A 145 -4.05 -36.82 -6.85
CA SER A 145 -3.41 -36.99 -8.16
C SER A 145 -3.93 -36.02 -9.22
N LEU A 146 -3.13 -35.82 -10.27
CA LEU A 146 -3.53 -34.98 -11.40
C LEU A 146 -4.68 -35.60 -12.22
N GLU A 147 -4.72 -36.93 -12.31
CA GLU A 147 -5.80 -37.61 -13.02
C GLU A 147 -7.13 -37.40 -12.30
N ASN A 148 -7.12 -37.56 -10.98
CA ASN A 148 -8.29 -37.26 -10.15
C ASN A 148 -8.72 -35.80 -10.29
N LEU A 149 -7.74 -34.90 -10.38
CA LEU A 149 -8.03 -33.48 -10.58
C LEU A 149 -8.80 -33.24 -11.89
N ALA A 150 -8.23 -33.70 -13.00
CA ALA A 150 -8.83 -33.53 -14.32
C ALA A 150 -10.19 -34.23 -14.41
N ASP A 151 -10.22 -35.51 -14.03
CA ASP A 151 -11.44 -36.33 -14.07
C ASP A 151 -12.57 -35.73 -13.25
N GLY A 152 -12.24 -35.19 -12.07
CA GLY A 152 -13.23 -34.60 -11.17
C GLY A 152 -13.82 -33.29 -11.69
N TYR A 153 -12.96 -32.43 -12.23
CA TYR A 153 -13.39 -31.19 -12.84
C TYR A 153 -14.27 -31.41 -14.08
N LYS A 154 -13.90 -32.39 -14.89
CA LYS A 154 -14.71 -32.81 -16.04
C LYS A 154 -16.05 -33.39 -15.59
N HIS A 155 -16.00 -34.33 -14.66
CA HIS A 155 -17.18 -35.02 -14.11
C HIS A 155 -18.21 -34.03 -13.56
N MET A 156 -17.77 -33.15 -12.67
CA MET A 156 -18.66 -32.12 -12.11
C MET A 156 -19.21 -31.18 -13.19
N SER A 157 -18.39 -30.88 -14.19
CA SER A 157 -18.83 -30.00 -15.27
C SER A 157 -20.03 -30.59 -15.98
N LEU A 158 -19.94 -31.88 -16.28
CA LEU A 158 -21.00 -32.58 -16.99
C LEU A 158 -22.19 -32.85 -16.05
N ALA A 159 -21.90 -33.04 -14.76
CA ALA A 159 -22.94 -33.30 -13.77
C ALA A 159 -23.84 -32.08 -13.56
N LEU A 160 -23.24 -30.90 -13.56
CA LEU A 160 -24.01 -29.65 -13.52
C LEU A 160 -24.87 -29.46 -14.77
N ASN A 161 -24.31 -29.71 -15.95
CA ASN A 161 -25.06 -29.62 -17.20
C ASN A 161 -26.31 -30.51 -17.16
N ARG A 162 -26.13 -31.72 -16.62
CA ARG A 162 -27.21 -32.69 -16.60
C ARG A 162 -28.34 -32.30 -15.65
N THR A 163 -28.09 -31.38 -14.71
CA THR A 163 -29.15 -30.90 -13.81
C THR A 163 -30.19 -30.08 -14.56
N GLY A 164 -29.77 -29.46 -15.67
CA GLY A 164 -30.65 -28.62 -16.46
C GLY A 164 -30.67 -27.16 -16.03
N ARG A 165 -30.11 -26.89 -14.85
CA ARG A 165 -30.06 -25.52 -14.32
C ARG A 165 -28.81 -24.77 -14.81
N SER A 166 -29.01 -23.49 -15.15
CA SER A 166 -27.91 -22.60 -15.51
C SER A 166 -27.06 -22.30 -14.27
N ILE A 167 -25.88 -22.90 -14.22
CA ILE A 167 -24.95 -22.69 -13.11
C ILE A 167 -23.57 -22.33 -13.64
N VAL A 168 -23.15 -21.07 -13.41
CA VAL A 168 -21.79 -20.62 -13.74
C VAL A 168 -20.78 -21.51 -12.99
N TYR A 169 -19.83 -22.08 -13.74
CA TYR A 169 -18.85 -23.01 -13.19
C TYR A 169 -17.45 -22.38 -13.13
N SER A 170 -17.03 -22.07 -11.90
CA SER A 170 -15.73 -21.44 -11.61
C SER A 170 -14.76 -22.53 -11.15
N CYS A 171 -13.65 -22.65 -11.86
CA CYS A 171 -12.70 -23.73 -11.66
C CYS A 171 -11.37 -23.22 -11.15
N GLU A 172 -10.71 -24.01 -10.29
CA GLU A 172 -9.36 -23.68 -9.83
C GLU A 172 -8.37 -24.69 -10.40
N TRP A 173 -8.84 -25.43 -11.39
CA TRP A 173 -8.11 -26.47 -12.10
C TRP A 173 -6.65 -26.13 -12.47
N PRO A 174 -6.42 -25.07 -13.27
CA PRO A 174 -5.03 -24.76 -13.66
C PRO A 174 -4.09 -24.46 -12.49
N LEU A 175 -4.58 -23.76 -11.47
CA LEU A 175 -3.81 -23.46 -10.26
C LEU A 175 -3.20 -24.70 -9.59
N TYR A 176 -4.00 -25.77 -9.48
CA TYR A 176 -3.55 -26.97 -8.78
C TYR A 176 -2.72 -27.93 -9.63
N MET A 177 -2.77 -27.77 -10.94
CA MET A 177 -1.93 -28.58 -11.80
C MET A 177 -0.63 -27.88 -12.22
N TRP A 178 -0.64 -26.55 -12.23
CA TRP A 178 0.56 -25.73 -12.53
C TRP A 178 1.89 -26.15 -11.89
N PRO A 179 1.89 -26.51 -10.58
CA PRO A 179 3.17 -26.90 -9.96
C PRO A 179 3.79 -28.17 -10.57
N PHE A 180 2.96 -28.97 -11.24
CA PHE A 180 3.39 -30.31 -11.71
C PHE A 180 3.51 -30.39 -13.23
N GLN A 181 2.47 -29.91 -13.91
CA GLN A 181 2.33 -30.01 -15.35
C GLN A 181 1.79 -28.67 -15.83
N LYS A 182 2.13 -28.27 -17.04
CA LYS A 182 1.51 -27.08 -17.61
C LYS A 182 0.09 -27.40 -18.11
N PRO A 183 -0.91 -26.59 -17.72
CA PRO A 183 -2.31 -26.80 -18.07
C PRO A 183 -2.60 -26.74 -19.57
N ASN A 184 -3.60 -27.50 -19.99
CA ASN A 184 -4.17 -27.39 -21.32
C ASN A 184 -5.42 -26.53 -21.24
N TYR A 185 -5.27 -25.27 -21.64
CA TYR A 185 -6.33 -24.27 -21.50
C TYR A 185 -7.50 -24.46 -22.45
N THR A 186 -7.25 -25.06 -23.60
CA THR A 186 -8.30 -25.50 -24.52
C THR A 186 -9.20 -26.52 -23.82
N GLU A 187 -8.57 -27.41 -23.05
CA GLU A 187 -9.28 -28.44 -22.30
C GLU A 187 -10.07 -27.84 -21.14
N ILE A 188 -9.42 -26.93 -20.40
CA ILE A 188 -10.06 -26.26 -19.27
C ILE A 188 -11.27 -25.42 -19.69
N ARG A 189 -11.12 -24.63 -20.74
CA ARG A 189 -12.20 -23.79 -21.28
C ARG A 189 -13.41 -24.62 -21.73
N GLN A 190 -13.15 -25.81 -22.27
CA GLN A 190 -14.19 -26.73 -22.69
C GLN A 190 -15.14 -27.10 -21.52
N TYR A 191 -14.60 -27.10 -20.31
CA TYR A 191 -15.32 -27.56 -19.13
C TYR A 191 -15.69 -26.48 -18.11
N CYS A 192 -15.08 -25.29 -18.23
CA CYS A 192 -15.18 -24.24 -17.22
C CYS A 192 -15.55 -22.85 -17.77
N ASN A 193 -16.32 -22.10 -17.00
CA ASN A 193 -16.68 -20.71 -17.34
C ASN A 193 -15.58 -19.69 -17.02
N HIS A 194 -14.86 -19.94 -15.94
CA HIS A 194 -13.61 -19.24 -15.63
C HIS A 194 -12.69 -20.08 -14.72
N TRP A 195 -11.43 -19.69 -14.66
CA TRP A 195 -10.41 -20.51 -14.01
C TRP A 195 -9.34 -19.70 -13.29
N ARG A 196 -9.11 -20.07 -12.04
CA ARG A 196 -8.08 -19.45 -11.21
C ARG A 196 -6.73 -19.99 -11.66
N ASN A 197 -5.83 -19.07 -11.96
CA ASN A 197 -4.50 -19.41 -12.48
C ASN A 197 -3.39 -19.36 -11.44
N PHE A 198 -3.55 -18.46 -10.46
CA PHE A 198 -2.45 -18.04 -9.58
C PHE A 198 -2.89 -17.98 -8.11
N ALA A 199 -1.90 -17.91 -7.22
CA ALA A 199 -2.07 -17.89 -5.76
C ALA A 199 -3.15 -16.93 -5.29
N ASP A 200 -3.84 -17.32 -4.22
CA ASP A 200 -4.86 -16.48 -3.57
C ASP A 200 -4.35 -15.04 -3.44
N ILE A 201 -5.21 -14.09 -3.77
CA ILE A 201 -4.92 -12.68 -3.51
C ILE A 201 -5.07 -12.40 -2.01
N ASP A 202 -4.36 -11.39 -1.53
CA ASP A 202 -4.66 -10.82 -0.22
C ASP A 202 -4.72 -9.30 -0.28
N ASP A 203 -4.78 -8.66 0.88
CA ASP A 203 -4.96 -7.22 0.97
C ASP A 203 -3.60 -6.51 0.91
N SER A 204 -2.91 -6.65 -0.22
CA SER A 204 -1.60 -6.04 -0.39
C SER A 204 -1.25 -5.68 -1.83
N TRP A 205 -0.41 -4.67 -1.96
CA TRP A 205 0.12 -4.24 -3.24
C TRP A 205 1.11 -5.28 -3.78
N LYS A 206 1.88 -5.90 -2.88
CA LYS A 206 2.76 -7.01 -3.21
C LYS A 206 2.02 -8.09 -4.00
N SER A 207 0.82 -8.41 -3.53
CA SER A 207 -0.05 -9.40 -4.13
C SER A 207 -0.53 -8.99 -5.53
N ILE A 208 -1.06 -7.76 -5.68
CA ILE A 208 -1.45 -7.24 -7.01
C ILE A 208 -0.29 -7.37 -8.01
N LYS A 209 0.90 -6.97 -7.59
CA LYS A 209 2.08 -7.01 -8.46
C LYS A 209 2.43 -8.41 -8.93
N SER A 210 2.41 -9.38 -8.01
CA SER A 210 2.79 -10.73 -8.37
C SER A 210 1.77 -11.38 -9.29
N ILE A 211 0.49 -11.03 -9.10
CA ILE A 211 -0.58 -11.49 -10.01
C ILE A 211 -0.40 -10.90 -11.40
N LEU A 212 -0.15 -9.58 -11.45
CA LEU A 212 0.10 -8.88 -12.71
C LEU A 212 1.32 -9.44 -13.41
N ASP A 213 2.39 -9.63 -12.63
CA ASP A 213 3.65 -10.12 -13.17
C ASP A 213 3.54 -11.53 -13.69
N TRP A 214 2.83 -12.41 -12.96
CA TRP A 214 2.62 -13.79 -13.41
C TRP A 214 1.85 -13.82 -14.74
N THR A 215 0.82 -12.99 -14.84
CA THR A 215 -0.03 -12.90 -16.01
C THR A 215 0.73 -12.42 -17.25
N SER A 216 1.63 -11.45 -17.08
CA SER A 216 2.35 -10.91 -18.23
C SER A 216 3.44 -11.85 -18.66
N PHE A 217 4.03 -12.55 -17.69
CA PHE A 217 5.04 -13.57 -17.95
C PHE A 217 4.43 -14.76 -18.72
N ASN A 218 3.21 -15.13 -18.35
CA ASN A 218 2.54 -16.28 -18.94
C ASN A 218 1.56 -15.96 -20.06
N GLN A 219 1.57 -14.73 -20.56
CA GLN A 219 0.48 -14.27 -21.43
C GLN A 219 0.33 -15.00 -22.77
N GLU A 220 1.44 -15.44 -23.34
CA GLU A 220 1.44 -16.23 -24.56
C GLU A 220 0.57 -17.49 -24.42
N ARG A 221 0.52 -18.03 -23.21
CA ARG A 221 -0.24 -19.26 -22.93
C ARG A 221 -1.73 -19.03 -22.65
N ILE A 222 -2.09 -17.87 -22.12
CA ILE A 222 -3.41 -17.69 -21.52
C ILE A 222 -4.33 -16.67 -22.22
N VAL A 223 -3.74 -15.71 -22.92
CA VAL A 223 -4.51 -14.59 -23.48
C VAL A 223 -5.56 -15.03 -24.51
N ASP A 224 -5.15 -15.80 -25.51
CA ASP A 224 -6.00 -16.13 -26.66
C ASP A 224 -7.12 -17.10 -26.39
N VAL A 225 -7.01 -17.89 -25.32
CA VAL A 225 -8.04 -18.86 -24.96
C VAL A 225 -9.25 -18.17 -24.33
N ALA A 226 -9.01 -17.03 -23.70
CA ALA A 226 -10.05 -16.24 -23.07
C ALA A 226 -11.03 -15.70 -24.10
N GLY A 227 -12.29 -15.59 -23.70
CA GLY A 227 -13.36 -15.17 -24.60
C GLY A 227 -14.70 -15.51 -23.99
N PRO A 228 -15.79 -15.07 -24.62
CA PRO A 228 -17.14 -15.28 -24.10
C PRO A 228 -17.40 -16.73 -23.66
N GLY A 229 -17.79 -16.90 -22.39
CA GLY A 229 -18.00 -18.23 -21.81
C GLY A 229 -16.79 -18.89 -21.16
N GLY A 230 -15.63 -18.23 -21.20
CA GLY A 230 -14.39 -18.78 -20.63
C GLY A 230 -13.31 -17.74 -20.37
N TRP A 231 -13.06 -17.44 -19.10
CA TRP A 231 -12.18 -16.33 -18.69
C TRP A 231 -11.07 -16.77 -17.75
N ASN A 232 -9.94 -16.07 -17.83
CA ASN A 232 -8.88 -16.20 -16.83
C ASN A 232 -9.32 -15.46 -15.59
N ASP A 233 -9.04 -16.06 -14.44
CA ASP A 233 -9.44 -15.49 -13.16
C ASP A 233 -8.19 -15.17 -12.35
N PRO A 234 -7.83 -13.87 -12.24
CA PRO A 234 -6.67 -13.45 -11.45
C PRO A 234 -7.01 -13.17 -9.98
N ASP A 235 -8.24 -13.52 -9.61
CA ASP A 235 -8.79 -13.48 -8.25
C ASP A 235 -9.56 -12.17 -7.94
N MET A 236 -10.06 -12.12 -6.70
CA MET A 236 -10.96 -11.07 -6.20
C MET A 236 -10.42 -9.64 -6.26
N LEU A 237 -11.34 -8.72 -6.55
CA LEU A 237 -11.12 -7.31 -6.29
C LEU A 237 -11.09 -7.08 -4.77
N VAL A 238 -10.01 -6.46 -4.30
CA VAL A 238 -9.85 -6.19 -2.86
C VAL A 238 -9.94 -4.69 -2.54
N ILE A 239 -10.44 -3.92 -3.49
CA ILE A 239 -10.69 -2.50 -3.30
C ILE A 239 -11.73 -2.30 -2.18
N GLY A 240 -11.49 -1.33 -1.30
CA GLY A 240 -12.42 -0.99 -0.23
C GLY A 240 -11.98 -1.49 1.14
N ASN A 241 -10.89 -2.25 1.16
CA ASN A 241 -10.35 -2.80 2.39
C ASN A 241 -9.23 -1.93 3.00
N PHE A 242 -8.06 -2.50 3.28
CA PHE A 242 -7.10 -1.85 4.18
C PHE A 242 -5.68 -1.66 3.67
N GLY A 243 -5.25 -2.55 2.77
CA GLY A 243 -3.84 -2.66 2.40
C GLY A 243 -3.41 -1.94 1.14
N LEU A 244 -4.38 -1.39 0.40
CA LEU A 244 -4.09 -0.71 -0.87
C LEU A 244 -4.29 0.79 -0.78
N SER A 245 -3.29 1.54 -1.28
CA SER A 245 -3.42 2.99 -1.46
C SER A 245 -4.42 3.27 -2.57
N TRP A 246 -4.91 4.50 -2.62
CA TRP A 246 -5.84 4.88 -3.69
C TRP A 246 -5.30 4.52 -5.08
N ASN A 247 -4.04 4.88 -5.35
CA ASN A 247 -3.41 4.55 -6.62
C ASN A 247 -3.30 3.05 -6.92
N GLN A 248 -3.12 2.24 -5.88
CA GLN A 248 -3.04 0.79 -6.06
C GLN A 248 -4.40 0.17 -6.32
N GLN A 249 -5.46 0.77 -5.74
CA GLN A 249 -6.83 0.36 -6.04
C GLN A 249 -7.18 0.67 -7.49
N VAL A 250 -6.75 1.85 -7.96
CA VAL A 250 -6.89 2.24 -9.37
C VAL A 250 -6.22 1.22 -10.29
N THR A 251 -4.98 0.87 -9.98
CA THR A 251 -4.26 -0.13 -10.75
C THR A 251 -5.03 -1.46 -10.81
N GLN A 252 -5.55 -1.93 -9.68
CA GLN A 252 -6.33 -3.17 -9.70
C GLN A 252 -7.56 -3.05 -10.59
N MET A 253 -8.33 -1.98 -10.44
CA MET A 253 -9.58 -1.82 -11.22
C MET A 253 -9.27 -1.76 -12.72
N ALA A 254 -8.30 -0.92 -13.07
CA ALA A 254 -7.90 -0.70 -14.46
C ALA A 254 -7.39 -1.99 -15.12
N LEU A 255 -6.53 -2.72 -14.43
CA LEU A 255 -5.91 -3.92 -15.00
C LEU A 255 -6.83 -5.14 -15.03
N TRP A 256 -7.75 -5.23 -14.07
CA TRP A 256 -8.80 -6.29 -14.12
C TRP A 256 -9.78 -6.06 -15.30
N ALA A 257 -9.95 -4.80 -15.70
CA ALA A 257 -10.67 -4.45 -16.93
C ALA A 257 -9.91 -4.84 -18.20
N ILE A 258 -8.65 -4.42 -18.29
CA ILE A 258 -7.74 -4.85 -19.36
C ILE A 258 -7.74 -6.38 -19.51
N MET A 259 -7.74 -7.09 -18.39
CA MET A 259 -7.57 -8.53 -18.40
C MET A 259 -8.83 -9.33 -18.68
N ALA A 260 -9.97 -8.65 -18.83
CA ALA A 260 -11.29 -9.30 -19.02
C ALA A 260 -11.47 -10.33 -17.93
N ALA A 261 -11.27 -9.85 -16.70
CA ALA A 261 -11.28 -10.67 -15.51
C ALA A 261 -12.68 -10.68 -14.90
N PRO A 262 -13.10 -11.81 -14.30
CA PRO A 262 -14.30 -11.78 -13.47
C PRO A 262 -14.11 -10.75 -12.35
N LEU A 263 -15.18 -10.05 -11.98
CA LEU A 263 -15.11 -8.99 -10.99
C LEU A 263 -15.88 -9.37 -9.74
N PHE A 264 -15.22 -10.15 -8.87
CA PHE A 264 -15.79 -10.56 -7.58
C PHE A 264 -15.20 -9.69 -6.47
N MET A 265 -15.95 -8.69 -6.04
CA MET A 265 -15.52 -7.86 -4.93
C MET A 265 -15.46 -8.75 -3.69
N SER A 266 -14.39 -8.60 -2.90
CA SER A 266 -14.35 -9.16 -1.55
C SER A 266 -14.03 -8.03 -0.59
N ASN A 267 -15.10 -7.52 0.04
CA ASN A 267 -15.01 -6.35 0.91
C ASN A 267 -16.23 -6.33 1.85
N ASP A 268 -16.33 -5.28 2.66
CA ASP A 268 -17.50 -5.08 3.51
C ASP A 268 -18.37 -3.96 2.95
N LEU A 269 -19.48 -4.34 2.33
CA LEU A 269 -20.39 -3.37 1.71
C LEU A 269 -21.07 -2.46 2.72
N ARG A 270 -21.01 -2.84 4.00
CA ARG A 270 -21.57 -2.03 5.09
C ARG A 270 -20.63 -0.90 5.52
N HIS A 271 -19.33 -1.09 5.29
CA HIS A 271 -18.31 -0.11 5.66
C HIS A 271 -17.33 0.05 4.49
N ILE A 272 -17.73 0.87 3.52
CA ILE A 272 -16.94 1.12 2.31
C ILE A 272 -16.93 2.61 2.00
N SER A 273 -15.75 3.15 1.71
CA SER A 273 -15.60 4.58 1.47
C SER A 273 -16.27 4.99 0.15
N PRO A 274 -16.80 6.23 0.09
CA PRO A 274 -17.45 6.71 -1.15
C PRO A 274 -16.51 6.69 -2.34
N GLN A 275 -15.22 6.89 -2.07
CA GLN A 275 -14.17 6.84 -3.07
C GLN A 275 -14.05 5.42 -3.66
N ALA A 276 -13.85 4.43 -2.78
CA ALA A 276 -13.82 3.02 -3.18
C ALA A 276 -15.08 2.60 -3.95
N LYS A 277 -16.25 2.93 -3.42
CA LYS A 277 -17.53 2.64 -4.09
C LYS A 277 -17.62 3.23 -5.51
N ALA A 278 -17.24 4.49 -5.69
CA ALA A 278 -17.27 5.13 -7.02
C ALA A 278 -16.30 4.50 -8.03
N LEU A 279 -15.13 4.07 -7.57
CA LEU A 279 -14.20 3.36 -8.43
C LEU A 279 -14.78 2.00 -8.87
N LEU A 280 -15.21 1.20 -7.90
CA LEU A 280 -15.82 -0.11 -8.18
C LEU A 280 -17.08 -0.08 -9.05
N GLN A 281 -17.77 1.06 -9.03
CA GLN A 281 -19.02 1.24 -9.79
C GLN A 281 -18.80 2.07 -11.06
N ASP A 282 -17.52 2.35 -11.37
CA ASP A 282 -17.16 3.18 -12.53
C ASP A 282 -17.73 2.59 -13.81
N LYS A 283 -18.77 3.22 -14.34
CA LYS A 283 -19.52 2.74 -15.50
C LYS A 283 -18.64 2.46 -16.72
N ASP A 284 -17.82 3.44 -17.07
CA ASP A 284 -16.92 3.38 -18.23
C ASP A 284 -15.85 2.31 -18.08
N VAL A 285 -15.32 2.13 -16.87
CA VAL A 285 -14.32 1.09 -16.63
C VAL A 285 -14.96 -0.30 -16.64
N ILE A 286 -16.12 -0.44 -16.00
CA ILE A 286 -16.87 -1.70 -16.06
C ILE A 286 -17.19 -2.06 -17.51
N ALA A 287 -17.55 -1.07 -18.32
CA ALA A 287 -17.91 -1.29 -19.73
C ALA A 287 -16.75 -1.83 -20.54
N ILE A 288 -15.52 -1.45 -20.17
CA ILE A 288 -14.34 -2.05 -20.76
C ILE A 288 -14.23 -3.52 -20.35
N ASN A 289 -14.32 -3.79 -19.04
CA ASN A 289 -14.24 -5.16 -18.53
C ASN A 289 -15.29 -6.05 -19.20
N GLN A 290 -16.48 -5.48 -19.38
CA GLN A 290 -17.65 -6.17 -19.91
C GLN A 290 -17.77 -6.15 -21.43
N ASP A 291 -16.76 -5.60 -22.10
CA ASP A 291 -16.84 -5.47 -23.56
C ASP A 291 -17.28 -6.78 -24.26
N PRO A 292 -18.38 -6.71 -25.05
CA PRO A 292 -19.00 -7.89 -25.64
C PRO A 292 -18.07 -8.74 -26.51
N LEU A 293 -17.09 -8.12 -27.14
CA LEU A 293 -16.10 -8.84 -27.95
C LEU A 293 -15.32 -9.86 -27.11
N GLY A 294 -15.08 -9.53 -25.83
CA GLY A 294 -14.49 -10.45 -24.87
C GLY A 294 -13.06 -10.89 -25.17
N LYS A 295 -12.27 -9.99 -25.76
CA LYS A 295 -10.86 -10.29 -26.05
C LYS A 295 -9.97 -9.76 -24.94
N GLN A 296 -9.24 -10.66 -24.28
CA GLN A 296 -8.36 -10.27 -23.17
C GLN A 296 -7.21 -9.37 -23.63
N GLY A 297 -6.92 -8.32 -22.87
CA GLY A 297 -5.76 -7.48 -23.11
C GLY A 297 -4.48 -8.18 -22.71
N TYR A 298 -3.37 -7.47 -22.91
CA TYR A 298 -2.06 -8.07 -22.75
C TYR A 298 -1.10 -6.94 -22.45
N GLN A 299 0.09 -7.28 -21.96
CA GLN A 299 1.14 -6.30 -21.77
C GLN A 299 1.81 -6.04 -23.11
N LEU A 300 1.80 -4.77 -23.52
CA LEU A 300 2.46 -4.34 -24.77
C LEU A 300 3.95 -4.06 -24.53
N ARG A 301 4.26 -3.30 -23.47
CA ARG A 301 5.65 -2.90 -23.16
C ARG A 301 5.95 -2.91 -21.68
N GLN A 302 7.23 -3.09 -21.36
CA GLN A 302 7.78 -2.79 -20.05
C GLN A 302 9.24 -2.34 -20.12
N GLY A 303 9.57 -1.36 -19.29
CA GLY A 303 10.88 -0.73 -19.32
C GLY A 303 10.84 0.53 -18.50
N ASP A 304 12.01 0.88 -17.93
CA ASP A 304 12.16 2.03 -17.03
C ASP A 304 11.05 2.11 -15.98
N ASN A 305 10.70 0.96 -15.42
CA ASN A 305 9.64 0.81 -14.41
C ASN A 305 8.25 1.31 -14.84
N PHE A 306 7.99 1.29 -16.14
CA PHE A 306 6.66 1.53 -16.68
C PHE A 306 6.19 0.25 -17.34
N GLU A 307 4.87 0.03 -17.31
CA GLU A 307 4.26 -0.99 -18.13
C GLU A 307 3.17 -0.40 -19.00
N VAL A 308 3.06 -0.89 -20.23
CA VAL A 308 1.94 -0.55 -21.10
C VAL A 308 1.17 -1.82 -21.42
N TRP A 309 -0.13 -1.77 -21.16
CA TRP A 309 -1.05 -2.86 -21.50
C TRP A 309 -2.14 -2.30 -22.41
N GLU A 310 -2.68 -3.14 -23.28
CA GLU A 310 -3.79 -2.74 -24.14
C GLU A 310 -4.76 -3.88 -24.35
N ARG A 311 -5.98 -3.51 -24.71
CA ARG A 311 -7.04 -4.46 -24.98
C ARG A 311 -7.89 -4.00 -26.18
N PRO A 312 -8.08 -4.88 -27.18
CA PRO A 312 -9.01 -4.54 -28.27
C PRO A 312 -10.46 -4.63 -27.80
N LEU A 313 -11.27 -3.65 -28.20
CA LEU A 313 -12.69 -3.61 -27.83
C LEU A 313 -13.57 -3.69 -29.07
N SER A 314 -14.89 -3.74 -28.88
CA SER A 314 -15.86 -3.71 -29.99
C SER A 314 -15.79 -2.40 -30.74
N GLY A 315 -16.19 -2.42 -32.01
CA GLY A 315 -16.24 -1.22 -32.83
C GLY A 315 -14.93 -0.47 -32.99
N LEU A 316 -13.82 -1.22 -33.10
CA LEU A 316 -12.49 -0.66 -33.40
C LEU A 316 -11.89 0.23 -32.29
N ALA A 317 -12.42 0.11 -31.08
CA ALA A 317 -11.89 0.84 -29.95
C ALA A 317 -10.82 0.02 -29.24
N TRP A 318 -9.97 0.70 -28.48
CA TRP A 318 -8.96 0.06 -27.66
C TRP A 318 -8.94 0.68 -26.26
N ALA A 319 -8.61 -0.14 -25.26
CA ALA A 319 -8.33 0.37 -23.93
C ALA A 319 -6.81 0.29 -23.74
N VAL A 320 -6.23 1.30 -23.11
CA VAL A 320 -4.79 1.32 -22.86
C VAL A 320 -4.54 1.68 -21.39
N ALA A 321 -3.67 0.91 -20.75
CA ALA A 321 -3.29 1.11 -19.35
C ALA A 321 -1.79 1.34 -19.24
N MET A 322 -1.41 2.39 -18.50
CA MET A 322 0.00 2.69 -18.26
C MET A 322 0.24 2.69 -16.76
N ILE A 323 1.08 1.76 -16.30
CA ILE A 323 1.39 1.58 -14.87
C ILE A 323 2.76 2.15 -14.59
N ASN A 324 2.88 2.80 -13.44
CA ASN A 324 4.17 3.26 -12.92
C ASN A 324 4.56 2.35 -11.77
N ARG A 325 5.54 1.47 -12.03
CA ARG A 325 6.02 0.50 -11.04
C ARG A 325 7.17 1.03 -10.15
N GLN A 326 7.64 2.25 -10.41
CA GLN A 326 8.67 2.87 -9.58
C GLN A 326 8.07 3.41 -8.28
N GLU A 327 8.50 2.85 -7.14
CA GLU A 327 7.84 3.10 -5.86
C GLU A 327 8.54 4.19 -5.02
N ILE A 328 9.02 5.22 -5.71
CA ILE A 328 9.72 6.33 -5.07
C ILE A 328 9.55 7.56 -5.98
N GLY A 329 9.67 8.75 -5.40
CA GLY A 329 9.51 9.98 -6.18
C GLY A 329 8.06 10.36 -6.42
N GLY A 330 7.82 11.02 -7.56
CA GLY A 330 6.52 11.63 -7.84
C GLY A 330 5.89 11.14 -9.12
N PRO A 331 4.76 11.77 -9.54
CA PRO A 331 4.20 11.42 -10.84
C PRO A 331 5.30 11.51 -11.90
N ARG A 332 5.36 10.51 -12.76
CA ARG A 332 6.48 10.37 -13.68
C ARG A 332 5.97 10.38 -15.11
N SER A 333 6.68 11.11 -15.97
CA SER A 333 6.27 11.29 -17.35
C SER A 333 6.54 10.05 -18.21
N TYR A 334 5.53 9.66 -18.99
CA TYR A 334 5.67 8.59 -19.96
C TYR A 334 5.06 9.02 -21.30
N THR A 335 5.80 8.79 -22.39
CA THR A 335 5.28 9.07 -23.73
C THR A 335 5.37 7.85 -24.64
N ILE A 336 4.42 7.75 -25.57
CA ILE A 336 4.41 6.68 -26.56
C ILE A 336 3.77 7.18 -27.86
N ALA A 337 4.31 6.74 -28.99
CA ALA A 337 3.73 7.06 -30.29
C ALA A 337 2.41 6.33 -30.41
N VAL A 338 1.37 7.04 -30.78
CA VAL A 338 0.05 6.44 -30.83
C VAL A 338 -0.01 5.37 -31.93
N ALA A 339 0.95 5.44 -32.85
CA ALA A 339 1.10 4.46 -33.95
C ALA A 339 1.55 3.09 -33.45
N SER A 340 2.16 3.07 -32.26
CA SER A 340 2.56 1.85 -31.58
C SER A 340 1.41 1.21 -30.82
N LEU A 341 0.31 1.94 -30.68
CA LEU A 341 -0.82 1.42 -29.91
C LEU A 341 -1.81 0.68 -30.80
N GLY A 342 -2.54 -0.27 -30.21
CA GLY A 342 -3.57 -0.97 -30.93
C GLY A 342 -3.10 -1.53 -32.27
N LYS A 343 -1.90 -2.10 -32.27
CA LYS A 343 -1.32 -2.77 -33.45
C LYS A 343 -1.16 -1.89 -34.69
N GLY A 344 -1.18 -0.57 -34.49
CA GLY A 344 -1.04 0.37 -35.59
C GLY A 344 -2.36 0.79 -36.20
N VAL A 345 -3.47 0.27 -35.70
CA VAL A 345 -4.78 0.62 -36.27
C VAL A 345 -5.65 1.56 -35.43
N ALA A 346 -5.46 1.55 -34.11
CA ALA A 346 -6.27 2.37 -33.21
C ALA A 346 -6.33 3.82 -33.69
N CYS A 347 -5.17 4.38 -34.06
CA CYS A 347 -5.07 5.79 -34.39
C CYS A 347 -4.58 6.08 -35.80
N ASN A 348 -4.91 5.18 -36.73
CA ASN A 348 -4.73 5.42 -38.16
C ASN A 348 -6.10 5.61 -38.77
N PRO A 349 -6.37 6.81 -39.33
CA PRO A 349 -5.46 7.96 -39.45
C PRO A 349 -5.43 8.83 -38.20
N ALA A 350 -6.38 8.59 -37.28
CA ALA A 350 -6.51 9.37 -36.07
C ALA A 350 -7.37 8.64 -35.05
N CYS A 351 -7.27 9.06 -33.79
CA CYS A 351 -8.14 8.57 -32.72
C CYS A 351 -8.51 9.69 -31.76
N PHE A 352 -9.70 9.59 -31.16
CA PHE A 352 -10.01 10.44 -30.02
C PHE A 352 -9.68 9.68 -28.72
N ILE A 353 -8.90 10.31 -27.85
CA ILE A 353 -8.47 9.66 -26.61
C ILE A 353 -9.14 10.26 -25.37
N THR A 354 -9.73 9.38 -24.56
CA THR A 354 -10.38 9.76 -23.33
C THR A 354 -9.71 9.04 -22.15
N GLN A 355 -9.19 9.80 -21.20
CA GLN A 355 -8.69 9.22 -19.96
C GLN A 355 -9.90 8.84 -19.07
N LEU A 356 -9.84 7.65 -18.48
CA LEU A 356 -10.90 7.21 -17.57
C LEU A 356 -10.43 7.17 -16.12
N LEU A 357 -9.17 6.77 -15.92
CA LEU A 357 -8.56 6.67 -14.60
C LEU A 357 -7.19 7.31 -14.63
N PRO A 358 -6.77 7.95 -13.52
CA PRO A 358 -7.40 8.04 -12.20
C PRO A 358 -8.66 8.92 -12.15
N VAL A 359 -8.79 9.84 -13.11
CA VAL A 359 -10.00 10.66 -13.27
C VAL A 359 -10.39 10.71 -14.75
N LYS A 360 -11.66 10.98 -15.02
CA LYS A 360 -12.16 11.10 -16.39
C LYS A 360 -11.85 12.45 -17.03
N ARG A 361 -11.24 12.41 -18.20
CA ARG A 361 -10.78 13.61 -18.89
C ARG A 361 -10.60 13.31 -20.37
N LYS A 362 -11.29 14.07 -21.22
CA LYS A 362 -11.06 14.00 -22.67
C LYS A 362 -9.68 14.59 -22.96
N LEU A 363 -8.87 13.85 -23.71
CA LEU A 363 -7.51 14.31 -24.04
C LEU A 363 -7.44 14.93 -25.43
N GLY A 364 -8.42 14.62 -26.28
CA GLY A 364 -8.52 15.20 -27.62
C GLY A 364 -8.17 14.26 -28.75
N PHE A 365 -8.01 14.84 -29.94
CA PHE A 365 -7.71 14.09 -31.15
C PHE A 365 -6.22 13.85 -31.29
N TYR A 366 -5.85 12.62 -31.66
CA TYR A 366 -4.47 12.22 -31.86
C TYR A 366 -4.28 11.70 -33.30
N GLU A 367 -3.35 12.30 -34.03
CA GLU A 367 -3.08 11.88 -35.41
C GLU A 367 -2.18 10.65 -35.40
N TRP A 368 -2.22 9.90 -36.50
CA TRP A 368 -1.27 8.82 -36.77
C TRP A 368 0.16 9.17 -36.35
N THR A 369 0.53 10.44 -36.54
CA THR A 369 1.88 10.93 -36.26
C THR A 369 2.11 11.30 -34.79
N SER A 370 1.05 11.35 -34.00
CA SER A 370 1.09 11.90 -32.64
C SER A 370 1.82 11.02 -31.62
N ARG A 371 2.18 11.65 -30.51
CA ARG A 371 2.65 10.97 -29.32
C ARG A 371 1.70 11.23 -28.16
N LEU A 372 1.39 10.18 -27.42
CA LEU A 372 0.63 10.27 -26.20
C LEU A 372 1.63 10.50 -25.06
N ARG A 373 1.38 11.54 -24.27
CA ARG A 373 2.19 11.81 -23.08
C ARG A 373 1.34 11.92 -21.82
N SER A 374 1.88 11.41 -20.74
CA SER A 374 1.12 11.26 -19.50
C SER A 374 2.04 11.20 -18.29
N HIS A 375 1.57 11.74 -17.17
CA HIS A 375 2.25 11.59 -15.89
C HIS A 375 1.48 10.56 -15.08
N ILE A 376 2.20 9.56 -14.58
CA ILE A 376 1.59 8.45 -13.88
C ILE A 376 2.13 8.41 -12.45
N ASN A 377 1.21 8.38 -11.48
CA ASN A 377 1.56 8.30 -10.06
C ASN A 377 2.25 6.98 -9.73
N PRO A 378 3.26 7.02 -8.83
CA PRO A 378 3.87 5.79 -8.30
C PRO A 378 2.84 4.76 -7.82
N THR A 379 2.91 3.54 -8.38
CA THR A 379 1.97 2.42 -8.12
C THR A 379 0.57 2.62 -8.73
N GLY A 380 0.38 3.75 -9.42
CA GLY A 380 -0.88 4.04 -10.08
C GLY A 380 -0.91 3.62 -11.54
N THR A 381 -2.08 3.75 -12.15
CA THR A 381 -2.27 3.41 -13.55
C THR A 381 -3.09 4.51 -14.19
N VAL A 382 -2.71 4.89 -15.40
CA VAL A 382 -3.56 5.72 -16.24
C VAL A 382 -4.26 4.79 -17.23
N LEU A 383 -5.60 4.87 -17.27
CA LEU A 383 -6.40 4.09 -18.18
C LEU A 383 -7.13 4.98 -19.18
N LEU A 384 -6.95 4.68 -20.46
CA LEU A 384 -7.47 5.45 -21.56
C LEU A 384 -8.32 4.60 -22.49
N GLN A 385 -9.33 5.23 -23.09
CA GLN A 385 -10.07 4.64 -24.19
C GLN A 385 -9.76 5.40 -25.49
N LEU A 386 -9.41 4.65 -26.53
CA LEU A 386 -9.13 5.20 -27.84
C LEU A 386 -10.26 4.83 -28.79
N GLU A 387 -10.79 5.84 -29.49
CA GLU A 387 -11.80 5.62 -30.51
C GLU A 387 -11.24 6.06 -31.86
N ASN A 388 -11.19 5.13 -32.81
CA ASN A 388 -10.76 5.46 -34.16
C ASN A 388 -11.76 6.42 -34.83
N THR A 389 -11.24 7.42 -35.53
CA THR A 389 -12.07 8.52 -36.08
C THR A 389 -12.84 8.21 -37.36
N MET A 390 -12.43 7.15 -38.07
CA MET A 390 -13.11 6.61 -39.27
C MET A 390 -12.54 7.12 -40.60
N LEU B 1 24.70 15.11 20.35
CA LEU B 1 25.62 16.27 20.24
C LEU B 1 25.25 17.36 21.25
N ASP B 2 26.25 17.85 21.98
CA ASP B 2 26.00 18.84 23.02
C ASP B 2 26.16 20.28 22.49
N ASN B 3 25.32 20.64 21.52
CA ASN B 3 25.30 21.99 20.96
C ASN B 3 24.04 22.78 21.36
N GLY B 4 23.24 22.18 22.23
CA GLY B 4 21.97 22.79 22.67
C GLY B 4 20.84 22.65 21.65
N LEU B 5 21.08 21.89 20.59
CA LEU B 5 20.09 21.72 19.52
C LEU B 5 19.46 20.33 19.57
N ALA B 6 18.35 20.18 18.83
CA ALA B 6 17.57 18.94 18.80
C ALA B 6 17.29 18.35 20.20
N ARG B 7 16.79 19.19 21.11
CA ARG B 7 16.39 18.73 22.45
C ARG B 7 15.13 17.86 22.35
N THR B 8 14.35 18.12 21.30
CA THR B 8 13.30 17.22 20.85
C THR B 8 13.69 16.80 19.42
N PRO B 9 13.13 15.67 18.92
CA PRO B 9 13.50 15.29 17.54
C PRO B 9 13.18 16.40 16.54
N THR B 10 14.07 16.61 15.58
CA THR B 10 13.90 17.68 14.59
C THR B 10 12.66 17.44 13.72
N MET B 11 11.93 18.51 13.45
CA MET B 11 10.74 18.46 12.61
C MET B 11 10.89 19.39 11.42
N GLY B 12 10.54 18.91 10.22
CA GLY B 12 10.63 19.73 9.03
C GLY B 12 10.22 19.03 7.75
N TRP B 13 10.84 19.44 6.65
CA TRP B 13 10.48 18.94 5.32
C TRP B 13 11.77 18.75 4.56
N LEU B 14 11.90 17.62 3.88
CA LEU B 14 13.11 17.25 3.13
C LEU B 14 12.69 16.71 1.77
N HIS B 15 13.35 17.20 0.71
CA HIS B 15 12.86 16.98 -0.66
C HIS B 15 13.06 15.56 -1.21
N TRP B 16 13.95 14.82 -0.59
CA TRP B 16 14.54 13.66 -1.26
C TRP B 16 13.58 12.60 -1.78
N GLU B 17 12.73 12.06 -0.91
CA GLU B 17 11.94 10.90 -1.33
C GLU B 17 11.01 11.25 -2.49
N ARG B 18 10.35 12.41 -2.39
CA ARG B 18 9.34 12.83 -3.35
C ARG B 18 9.94 13.48 -4.62
N PHE B 19 11.09 14.14 -4.47
CA PHE B 19 11.63 14.90 -5.59
C PHE B 19 12.95 14.37 -6.13
N MET B 20 13.73 13.75 -5.25
CA MET B 20 14.97 13.07 -5.61
C MET B 20 15.96 13.96 -6.39
N CYS B 21 16.55 13.43 -7.46
CA CYS B 21 17.57 14.16 -8.20
C CYS B 21 17.08 14.60 -9.59
N ASN B 22 15.86 15.11 -9.63
CA ASN B 22 15.26 15.61 -10.86
C ASN B 22 15.88 16.95 -11.24
N LEU B 23 16.69 16.94 -12.30
CA LEU B 23 17.45 18.11 -12.74
C LEU B 23 16.83 18.78 -13.97
N ASP B 24 15.75 18.19 -14.47
CA ASP B 24 15.13 18.63 -15.71
C ASP B 24 14.05 19.70 -15.50
N CYS B 25 14.47 20.94 -15.37
CA CYS B 25 13.54 22.05 -15.15
C CYS B 25 12.84 22.51 -16.43
N GLN B 26 13.30 22.03 -17.59
CA GLN B 26 12.65 22.35 -18.86
C GLN B 26 11.41 21.50 -19.09
N GLU B 27 11.52 20.19 -18.86
CA GLU B 27 10.42 19.28 -19.13
C GLU B 27 9.62 18.90 -17.87
N GLU B 28 10.27 18.99 -16.72
CA GLU B 28 9.61 18.76 -15.44
C GLU B 28 9.86 19.94 -14.48
N PRO B 29 9.37 21.14 -14.84
CA PRO B 29 9.66 22.33 -14.04
C PRO B 29 9.09 22.28 -12.62
N ASP B 30 8.01 21.53 -12.43
CA ASP B 30 7.30 21.54 -11.17
C ASP B 30 7.93 20.62 -10.15
N SER B 31 8.68 19.62 -10.61
CA SER B 31 9.31 18.64 -9.72
C SER B 31 10.84 18.68 -9.74
N CYS B 32 11.41 19.55 -10.58
CA CYS B 32 12.87 19.70 -10.61
C CYS B 32 13.36 20.36 -9.32
N ILE B 33 14.62 20.06 -8.94
CA ILE B 33 15.21 20.65 -7.74
C ILE B 33 15.65 22.09 -8.04
N SER B 34 14.78 23.04 -7.68
CA SER B 34 15.01 24.45 -7.97
C SER B 34 14.74 25.31 -6.74
N GLU B 35 15.22 26.54 -6.77
CA GLU B 35 14.95 27.50 -5.70
C GLU B 35 13.47 27.86 -5.62
N LYS B 36 12.79 27.81 -6.76
CA LYS B 36 11.35 28.06 -6.85
C LYS B 36 10.56 27.02 -6.08
N LEU B 37 10.99 25.76 -6.16
CA LEU B 37 10.36 24.68 -5.41
C LEU B 37 10.44 24.94 -3.90
N PHE B 38 11.64 25.29 -3.43
CA PHE B 38 11.86 25.54 -2.02
C PHE B 38 11.16 26.81 -1.54
N MET B 39 11.21 27.86 -2.35
CA MET B 39 10.43 29.07 -2.10
C MET B 39 8.95 28.75 -1.93
N GLU B 40 8.36 28.08 -2.91
CA GLU B 40 6.94 27.75 -2.85
C GLU B 40 6.60 26.82 -1.69
N MET B 41 7.46 25.83 -1.44
CA MET B 41 7.28 24.93 -0.30
C MET B 41 7.31 25.69 1.02
N ALA B 42 8.23 26.65 1.15
CA ALA B 42 8.31 27.52 2.33
C ALA B 42 7.04 28.36 2.53
N GLU B 43 6.49 28.88 1.44
CA GLU B 43 5.20 29.61 1.48
C GLU B 43 4.05 28.77 2.04
N LEU B 44 3.96 27.52 1.61
CA LEU B 44 2.91 26.62 2.07
C LEU B 44 3.11 26.14 3.51
N MET B 45 4.36 25.94 3.91
CA MET B 45 4.70 25.59 5.30
C MET B 45 4.06 26.61 6.26
N VAL B 46 4.13 27.88 5.91
CA VAL B 46 3.50 28.93 6.70
C VAL B 46 1.97 28.93 6.52
N SER B 47 1.50 29.09 5.28
CA SER B 47 0.08 29.31 5.00
C SER B 47 -0.82 28.11 5.30
N GLU B 48 -0.25 26.91 5.33
CA GLU B 48 -1.03 25.68 5.55
C GLU B 48 -0.83 25.04 6.94
N GLY B 49 -0.32 25.84 7.88
CA GLY B 49 -0.29 25.46 9.29
C GLY B 49 0.83 24.52 9.69
N TRP B 50 1.78 24.28 8.79
CA TRP B 50 2.86 23.32 9.06
C TRP B 50 3.83 23.83 10.12
N LYS B 51 4.24 25.09 9.99
CA LYS B 51 5.08 25.76 10.98
C LYS B 51 4.45 25.76 12.39
N ASP B 52 3.17 26.10 12.48
CA ASP B 52 2.45 26.11 13.76
C ASP B 52 2.40 24.72 14.42
N ALA B 53 2.40 23.67 13.60
CA ALA B 53 2.35 22.30 14.10
C ALA B 53 3.70 21.86 14.65
N GLY B 54 4.76 22.51 14.20
CA GLY B 54 6.11 22.22 14.68
C GLY B 54 7.13 21.92 13.59
N TYR B 55 6.69 21.88 12.33
CA TYR B 55 7.59 21.62 11.21
C TYR B 55 8.34 22.90 10.82
N GLU B 56 9.57 23.01 11.30
CA GLU B 56 10.33 24.27 11.25
C GLU B 56 11.42 24.30 10.17
N TYR B 57 12.02 23.16 9.89
CA TYR B 57 13.16 23.07 8.98
C TYR B 57 12.80 22.72 7.54
N LEU B 58 12.99 23.69 6.64
CA LEU B 58 12.90 23.41 5.20
C LEU B 58 14.26 22.94 4.71
N CYS B 59 14.32 21.70 4.24
CA CYS B 59 15.60 21.06 4.00
C CYS B 59 15.89 20.70 2.55
N ILE B 60 17.06 21.10 2.07
CA ILE B 60 17.57 20.70 0.75
C ILE B 60 18.35 19.40 0.90
N ASP B 61 18.08 18.44 0.03
CA ASP B 61 18.84 17.20 0.00
C ASP B 61 19.84 17.27 -1.18
N ASP B 62 20.27 16.13 -1.69
CA ASP B 62 21.27 16.07 -2.77
C ASP B 62 20.79 16.75 -4.05
N CYS B 63 21.75 17.14 -4.90
CA CYS B 63 21.51 17.69 -6.25
C CYS B 63 21.10 19.17 -6.27
N TRP B 64 21.56 19.91 -5.27
CA TRP B 64 21.41 21.38 -5.27
C TRP B 64 22.62 22.09 -5.88
N MET B 65 23.76 21.41 -5.94
CA MET B 65 25.03 22.09 -6.23
C MET B 65 25.47 22.11 -7.72
N ALA B 66 26.38 23.03 -8.04
CA ALA B 66 26.99 23.09 -9.36
C ALA B 66 27.98 21.93 -9.51
N PRO B 67 28.26 21.50 -10.76
CA PRO B 67 29.14 20.36 -11.06
C PRO B 67 30.54 20.45 -10.42
N GLN B 68 31.04 21.68 -10.28
CA GLN B 68 32.35 21.93 -9.69
C GLN B 68 32.28 23.08 -8.68
N ARG B 69 33.33 23.21 -7.86
CA ARG B 69 33.47 24.34 -6.95
C ARG B 69 33.94 25.58 -7.72
N ASP B 70 33.75 26.77 -7.14
CA ASP B 70 34.16 28.03 -7.78
C ASP B 70 35.68 28.30 -7.68
N SER B 71 36.07 29.53 -7.99
CA SER B 71 37.50 29.94 -8.02
C SER B 71 38.13 29.98 -6.63
N GLU B 72 37.30 30.09 -5.59
CA GLU B 72 37.76 30.07 -4.20
C GLU B 72 37.85 28.65 -3.66
N GLY B 73 37.35 27.69 -4.45
CA GLY B 73 37.29 26.30 -4.03
C GLY B 73 36.12 26.01 -3.10
N ARG B 74 35.13 26.90 -3.14
CA ARG B 74 33.90 26.74 -2.35
C ARG B 74 32.79 26.11 -3.17
N LEU B 75 31.92 25.36 -2.50
CA LEU B 75 30.70 24.85 -3.12
C LEU B 75 29.84 26.01 -3.63
N GLN B 76 29.20 25.78 -4.76
CA GLN B 76 28.20 26.70 -5.26
C GLN B 76 26.92 25.94 -5.60
N ALA B 77 25.79 26.63 -5.51
CA ALA B 77 24.50 26.06 -5.94
C ALA B 77 24.43 26.09 -7.46
N ASP B 78 23.61 25.24 -8.06
CA ASP B 78 23.49 25.26 -9.52
C ASP B 78 23.04 26.64 -9.99
N PRO B 79 23.78 27.23 -10.95
CA PRO B 79 23.43 28.57 -11.46
C PRO B 79 22.11 28.62 -12.24
N GLN B 80 21.72 27.54 -12.91
CA GLN B 80 20.44 27.53 -13.65
C GLN B 80 19.23 27.30 -12.75
N ARG B 81 19.40 26.44 -11.76
CA ARG B 81 18.28 26.01 -10.92
C ARG B 81 18.16 26.80 -9.61
N PHE B 82 19.28 27.35 -9.15
CA PHE B 82 19.32 28.24 -8.00
C PHE B 82 20.06 29.54 -8.36
N PRO B 83 19.54 30.29 -9.37
CA PRO B 83 20.28 31.46 -9.87
C PRO B 83 20.53 32.56 -8.84
N HIS B 84 19.76 32.59 -7.76
CA HIS B 84 19.90 33.62 -6.74
C HIS B 84 20.77 33.20 -5.56
N GLY B 85 21.23 31.95 -5.57
CA GLY B 85 22.16 31.45 -4.55
C GLY B 85 21.49 31.02 -3.26
N ILE B 86 22.25 30.35 -2.39
CA ILE B 86 21.73 29.82 -1.12
C ILE B 86 21.44 30.93 -0.10
N ARG B 87 22.33 31.93 -0.05
CA ARG B 87 22.22 33.04 0.89
C ARG B 87 20.85 33.74 0.80
N GLN B 88 20.44 34.08 -0.42
CA GLN B 88 19.12 34.70 -0.63
C GLN B 88 17.95 33.74 -0.36
N LEU B 89 18.15 32.44 -0.61
CA LEU B 89 17.16 31.44 -0.23
C LEU B 89 16.99 31.33 1.28
N ALA B 90 18.11 31.37 2.00
CA ALA B 90 18.09 31.39 3.47
C ALA B 90 17.40 32.65 4.03
N ASN B 91 17.68 33.81 3.44
CA ASN B 91 17.01 35.06 3.83
C ASN B 91 15.50 34.97 3.69
N TYR B 92 15.07 34.42 2.56
CA TYR B 92 13.66 34.22 2.24
C TYR B 92 13.01 33.27 3.24
N VAL B 93 13.68 32.15 3.49
CA VAL B 93 13.20 31.14 4.45
C VAL B 93 13.10 31.70 5.87
N HIS B 94 14.12 32.45 6.29
CA HIS B 94 14.13 33.07 7.62
C HIS B 94 13.04 34.13 7.79
N SER B 95 12.73 34.85 6.71
CA SER B 95 11.70 35.90 6.75
C SER B 95 10.30 35.30 6.98
N LYS B 96 10.11 34.06 6.53
CA LYS B 96 8.89 33.30 6.82
C LYS B 96 8.94 32.64 8.21
N GLY B 97 10.00 32.91 8.97
CA GLY B 97 10.15 32.35 10.32
C GLY B 97 10.57 30.89 10.35
N LEU B 98 11.13 30.40 9.26
CA LEU B 98 11.55 29.00 9.14
C LEU B 98 13.07 28.88 9.10
N LYS B 99 13.56 27.65 9.23
CA LYS B 99 14.99 27.36 9.21
C LYS B 99 15.37 26.56 7.98
N LEU B 100 16.63 26.69 7.54
CA LEU B 100 17.09 26.06 6.30
C LEU B 100 18.06 24.91 6.52
N GLY B 101 17.79 23.78 5.86
CA GLY B 101 18.69 22.63 5.88
C GLY B 101 19.36 22.44 4.53
N ILE B 102 20.63 22.06 4.55
CA ILE B 102 21.33 21.72 3.31
C ILE B 102 21.95 20.32 3.40
N TYR B 103 22.62 19.90 2.33
CA TYR B 103 23.15 18.54 2.23
C TYR B 103 24.59 18.54 1.70
N ALA B 104 25.43 17.67 2.26
CA ALA B 104 26.79 17.42 1.78
C ALA B 104 27.22 15.97 2.07
N ASP B 105 28.42 15.61 1.61
CA ASP B 105 28.89 14.22 1.69
C ASP B 105 30.31 14.12 2.24
N VAL B 106 30.51 13.12 3.09
CA VAL B 106 31.80 12.91 3.76
C VAL B 106 32.90 12.49 2.77
N GLY B 107 32.50 11.79 1.72
CA GLY B 107 33.43 11.28 0.70
C GLY B 107 33.79 12.29 -0.38
N ASN B 108 34.32 11.78 -1.50
CA ASN B 108 34.78 12.61 -2.60
C ASN B 108 33.67 13.13 -3.51
N LYS B 109 32.54 12.42 -3.52
CA LYS B 109 31.33 12.87 -4.19
C LYS B 109 30.13 12.62 -3.29
N THR B 110 29.05 13.35 -3.56
CA THR B 110 27.73 13.04 -3.01
C THR B 110 27.27 11.71 -3.63
N CYS B 111 26.16 11.17 -3.14
CA CYS B 111 25.64 9.92 -3.71
C CYS B 111 25.19 10.10 -5.15
N ALA B 112 24.65 11.28 -5.47
CA ALA B 112 24.23 11.58 -6.85
C ALA B 112 25.38 12.08 -7.73
N GLY B 113 26.57 12.21 -7.15
CA GLY B 113 27.79 12.45 -7.92
C GLY B 113 28.32 13.88 -8.00
N PHE B 114 27.75 14.77 -7.20
CA PHE B 114 28.17 16.17 -7.15
C PHE B 114 29.28 16.34 -6.08
N PRO B 115 30.04 17.46 -6.12
CA PRO B 115 31.26 17.61 -5.29
C PRO B 115 31.14 17.19 -3.81
N GLY B 116 32.09 16.38 -3.36
CA GLY B 116 32.14 15.93 -1.96
C GLY B 116 32.93 16.85 -1.06
N SER B 117 32.80 16.64 0.25
CA SER B 117 33.41 17.53 1.24
C SER B 117 34.77 17.08 1.81
N PHE B 118 35.16 15.84 1.52
CA PHE B 118 36.49 15.36 1.93
C PHE B 118 37.56 16.34 1.44
N GLY B 119 38.42 16.77 2.36
CA GLY B 119 39.47 17.74 2.05
C GLY B 119 38.99 19.19 2.12
N TYR B 120 37.69 19.38 2.31
CA TYR B 120 37.10 20.72 2.35
C TYR B 120 36.19 20.95 3.58
N TYR B 121 36.35 20.12 4.61
CA TYR B 121 35.45 20.15 5.76
C TYR B 121 35.32 21.53 6.43
N ASP B 122 36.45 22.24 6.56
CA ASP B 122 36.46 23.52 7.26
C ASP B 122 35.86 24.68 6.46
N ILE B 123 36.13 24.73 5.16
CA ILE B 123 35.55 25.77 4.30
C ILE B 123 34.08 25.52 4.00
N ASP B 124 33.70 24.26 3.79
CA ASP B 124 32.31 23.91 3.54
C ASP B 124 31.42 24.32 4.72
N ALA B 125 31.85 23.96 5.93
CA ALA B 125 31.12 24.30 7.15
C ALA B 125 30.96 25.82 7.31
N GLN B 126 32.03 26.56 7.02
CA GLN B 126 32.01 28.01 7.07
C GLN B 126 31.12 28.60 5.98
N THR B 127 31.20 28.01 4.78
CA THR B 127 30.36 28.38 3.63
C THR B 127 28.89 28.33 4.03
N PHE B 128 28.47 27.23 4.64
CA PHE B 128 27.09 27.02 5.08
C PHE B 128 26.68 28.07 6.12
N ALA B 129 27.58 28.36 7.06
CA ALA B 129 27.31 29.35 8.11
C ALA B 129 27.17 30.74 7.52
N ASP B 130 28.06 31.07 6.57
CA ASP B 130 28.00 32.33 5.82
C ASP B 130 26.67 32.47 5.07
N TRP B 131 26.22 31.38 4.44
CA TRP B 131 24.95 31.37 3.72
C TRP B 131 23.74 31.41 4.65
N GLY B 132 23.97 31.19 5.95
CA GLY B 132 22.91 31.23 6.94
C GLY B 132 22.15 29.93 7.06
N VAL B 133 22.85 28.81 6.86
CA VAL B 133 22.27 27.47 6.95
C VAL B 133 22.07 27.06 8.42
N ASP B 134 20.97 26.37 8.71
CA ASP B 134 20.58 26.02 10.09
C ASP B 134 20.68 24.52 10.40
N LEU B 135 20.80 23.70 9.35
CA LEU B 135 20.91 22.25 9.47
C LEU B 135 21.75 21.68 8.34
N LEU B 136 22.58 20.69 8.65
CA LEU B 136 23.31 19.94 7.64
C LEU B 136 22.99 18.44 7.72
N LYS B 137 22.59 17.87 6.58
CA LYS B 137 22.53 16.44 6.41
C LYS B 137 23.80 16.00 5.68
N PHE B 138 24.54 15.09 6.31
CA PHE B 138 25.89 14.74 5.87
C PHE B 138 25.97 13.24 5.52
N ASP B 139 26.13 12.98 4.22
CA ASP B 139 25.99 11.63 3.67
C ASP B 139 27.33 10.89 3.61
N GLY B 140 27.27 9.60 3.30
CA GLY B 140 28.46 8.73 3.41
C GLY B 140 29.00 8.06 2.16
N CYS B 141 28.45 8.43 1.00
CA CYS B 141 28.87 7.83 -0.27
C CYS B 141 30.31 8.15 -0.64
N TYR B 142 30.88 7.28 -1.48
CA TYR B 142 32.20 7.48 -2.05
C TYR B 142 33.26 7.73 -0.99
N CYS B 143 33.11 7.00 0.11
CA CYS B 143 34.11 6.90 1.16
C CYS B 143 34.24 5.43 1.54
N ASP B 144 35.22 4.75 0.96
CA ASP B 144 35.44 3.31 1.16
C ASP B 144 36.45 2.97 2.27
N SER B 145 36.91 3.99 3.00
CA SER B 145 37.76 3.78 4.17
C SER B 145 36.98 4.00 5.47
N LEU B 146 36.95 2.96 6.30
CA LEU B 146 36.33 3.00 7.63
C LEU B 146 36.90 4.15 8.46
N GLU B 147 38.22 4.33 8.40
CA GLU B 147 38.90 5.43 9.08
C GLU B 147 38.45 6.81 8.57
N ASN B 148 38.56 7.01 7.25
CA ASN B 148 38.13 8.27 6.61
C ASN B 148 36.69 8.66 6.96
N LEU B 149 35.80 7.67 6.96
CA LEU B 149 34.39 7.86 7.31
C LEU B 149 34.26 8.45 8.71
N ALA B 150 34.83 7.76 9.70
CA ALA B 150 34.79 8.20 11.09
C ALA B 150 35.47 9.56 11.29
N ASP B 151 36.71 9.70 10.80
CA ASP B 151 37.44 10.97 10.88
C ASP B 151 36.70 12.13 10.21
N GLY B 152 36.10 11.86 9.05
CA GLY B 152 35.33 12.88 8.34
C GLY B 152 34.11 13.38 9.09
N TYR B 153 33.29 12.45 9.59
CA TYR B 153 32.10 12.79 10.39
C TYR B 153 32.46 13.54 11.66
N LYS B 154 33.54 13.12 12.31
CA LYS B 154 34.07 13.79 13.48
C LYS B 154 34.60 15.18 13.15
N HIS B 155 35.39 15.28 12.08
CA HIS B 155 35.98 16.55 11.63
C HIS B 155 34.91 17.60 11.33
N MET B 156 33.91 17.21 10.52
CA MET B 156 32.80 18.10 10.14
C MET B 156 31.97 18.56 11.34
N SER B 157 31.80 17.70 12.34
CA SER B 157 31.12 18.07 13.58
C SER B 157 31.80 19.26 14.24
N LEU B 158 33.12 19.18 14.37
CA LEU B 158 33.93 20.23 14.98
C LEU B 158 34.08 21.43 14.05
N ALA B 159 34.09 21.18 12.75
CA ALA B 159 34.18 22.23 11.75
C ALA B 159 32.97 23.15 11.77
N LEU B 160 31.79 22.57 12.02
CA LEU B 160 30.57 23.34 12.18
C LEU B 160 30.57 24.10 13.50
N ASN B 161 30.98 23.42 14.57
CA ASN B 161 31.06 24.03 15.90
C ASN B 161 31.89 25.31 15.88
N ARG B 162 33.02 25.27 15.18
CA ARG B 162 33.98 26.38 15.11
C ARG B 162 33.50 27.60 14.32
N THR B 163 32.39 27.47 13.61
CA THR B 163 31.78 28.61 12.91
C THR B 163 31.02 29.51 13.90
N GLY B 164 30.53 28.91 14.99
CA GLY B 164 29.76 29.62 16.00
C GLY B 164 28.27 29.68 15.68
N ARG B 165 27.90 29.12 14.54
CA ARG B 165 26.52 29.08 14.07
C ARG B 165 25.84 27.86 14.69
N SER B 166 24.61 28.04 15.19
CA SER B 166 23.80 26.90 15.63
C SER B 166 23.29 26.15 14.41
N ILE B 167 23.90 25.00 14.15
CA ILE B 167 23.55 24.15 13.01
C ILE B 167 23.28 22.71 13.46
N VAL B 168 22.08 22.21 13.17
CA VAL B 168 21.74 20.82 13.46
C VAL B 168 22.55 19.90 12.54
N TYR B 169 23.27 18.97 13.16
CA TYR B 169 24.12 18.04 12.42
C TYR B 169 23.47 16.66 12.29
N SER B 170 23.08 16.34 11.06
CA SER B 170 22.41 15.08 10.73
C SER B 170 23.39 14.16 10.01
N CYS B 171 23.66 13.00 10.62
CA CYS B 171 24.70 12.09 10.17
C CYS B 171 24.14 10.78 9.61
N GLU B 172 24.82 10.25 8.60
CA GLU B 172 24.48 8.92 8.09
C GLU B 172 25.59 7.93 8.45
N TRP B 173 26.43 8.37 9.38
CA TRP B 173 27.54 7.61 9.95
C TRP B 173 27.24 6.12 10.19
N PRO B 174 26.20 5.78 10.99
CA PRO B 174 26.00 4.36 11.34
C PRO B 174 25.63 3.51 10.12
N LEU B 175 24.82 4.06 9.23
CA LEU B 175 24.37 3.39 8.01
C LEU B 175 25.52 2.98 7.10
N TYR B 176 26.55 3.83 7.00
CA TYR B 176 27.70 3.55 6.13
C TYR B 176 28.83 2.83 6.86
N MET B 177 28.56 2.47 8.11
CA MET B 177 29.50 1.77 8.96
C MET B 177 29.20 0.27 9.00
N TRP B 178 27.91 -0.09 8.98
CA TRP B 178 27.46 -1.50 9.02
C TRP B 178 28.22 -2.45 8.08
N PRO B 179 28.40 -2.07 6.79
CA PRO B 179 29.25 -2.85 5.86
C PRO B 179 30.64 -3.23 6.39
N PHE B 180 31.16 -2.51 7.37
CA PHE B 180 32.48 -2.80 7.95
C PHE B 180 32.39 -3.38 9.36
N GLN B 181 31.79 -2.61 10.27
CA GLN B 181 31.69 -2.98 11.69
C GLN B 181 30.34 -2.58 12.27
N LYS B 182 30.02 -3.12 13.45
CA LYS B 182 28.91 -2.59 14.25
C LYS B 182 29.30 -1.19 14.73
N PRO B 183 28.43 -0.19 14.50
CA PRO B 183 28.73 1.19 14.85
C PRO B 183 28.83 1.41 16.37
N ASN B 184 29.73 2.30 16.77
CA ASN B 184 29.82 2.73 18.15
C ASN B 184 28.88 3.91 18.34
N TYR B 185 27.74 3.65 18.96
CA TYR B 185 26.69 4.65 19.09
C TYR B 185 26.99 5.73 20.13
N THR B 186 27.76 5.36 21.16
CA THR B 186 28.25 6.34 22.13
C THR B 186 29.11 7.41 21.44
N GLU B 187 29.94 6.95 20.50
CA GLU B 187 30.82 7.81 19.72
C GLU B 187 30.03 8.69 18.74
N ILE B 188 29.05 8.09 18.06
CA ILE B 188 28.18 8.82 17.12
C ILE B 188 27.34 9.89 17.82
N ARG B 189 26.72 9.51 18.94
CA ARG B 189 25.93 10.43 19.75
C ARG B 189 26.70 11.69 20.18
N GLN B 190 27.99 11.53 20.45
CA GLN B 190 28.89 12.62 20.83
C GLN B 190 29.01 13.71 19.75
N TYR B 191 28.93 13.29 18.49
CA TYR B 191 29.19 14.19 17.36
C TYR B 191 27.94 14.61 16.58
N CYS B 192 26.86 13.84 16.71
CA CYS B 192 25.69 14.00 15.85
C CYS B 192 24.40 14.28 16.62
N ASN B 193 23.58 15.17 16.09
CA ASN B 193 22.25 15.46 16.65
C ASN B 193 21.23 14.37 16.33
N HIS B 194 21.39 13.76 15.16
CA HIS B 194 20.67 12.52 14.83
C HIS B 194 21.36 11.75 13.71
N TRP B 195 20.96 10.50 13.57
CA TRP B 195 21.70 9.57 12.71
C TRP B 195 20.83 8.51 12.02
N ARG B 196 20.97 8.46 10.71
CA ARG B 196 20.39 7.43 9.87
C ARG B 196 21.06 6.08 10.14
N ASN B 197 20.24 5.12 10.54
CA ASN B 197 20.70 3.77 10.86
C ASN B 197 20.54 2.80 9.71
N PHE B 198 19.52 3.03 8.88
CA PHE B 198 19.01 2.02 7.98
C PHE B 198 18.80 2.55 6.55
N ALA B 199 18.59 1.61 5.61
CA ALA B 199 18.39 1.92 4.20
C ALA B 199 17.34 3.00 3.94
N ASP B 200 17.52 3.74 2.85
CA ASP B 200 16.58 4.79 2.43
C ASP B 200 15.17 4.28 2.38
N ILE B 201 14.26 5.05 2.95
CA ILE B 201 12.85 4.75 2.82
C ILE B 201 12.44 4.99 1.36
N ASP B 202 11.43 4.25 0.90
CA ASP B 202 10.76 4.62 -0.33
C ASP B 202 9.26 4.69 -0.07
N ASP B 203 8.47 4.92 -1.12
CA ASP B 203 7.04 5.13 -0.96
C ASP B 203 6.33 3.79 -0.97
N SER B 204 6.55 2.99 0.07
CA SER B 204 5.99 1.65 0.12
C SER B 204 5.79 1.14 1.55
N TRP B 205 4.78 0.30 1.72
CA TRP B 205 4.54 -0.45 2.96
C TRP B 205 5.67 -1.45 3.24
N LYS B 206 6.18 -2.09 2.20
CA LYS B 206 7.37 -2.95 2.31
C LYS B 206 8.50 -2.22 3.06
N SER B 207 8.76 -0.98 2.68
CA SER B 207 9.84 -0.17 3.25
C SER B 207 9.59 0.15 4.74
N ILE B 208 8.35 0.51 5.07
CA ILE B 208 7.98 0.81 6.47
C ILE B 208 8.25 -0.41 7.33
N LYS B 209 7.70 -1.54 6.89
CA LYS B 209 7.88 -2.82 7.56
C LYS B 209 9.34 -3.13 7.82
N SER B 210 10.19 -2.98 6.80
CA SER B 210 11.61 -3.35 6.94
C SER B 210 12.36 -2.41 7.90
N ILE B 211 11.95 -1.14 7.95
CA ILE B 211 12.50 -0.17 8.89
C ILE B 211 12.09 -0.50 10.32
N LEU B 212 10.82 -0.88 10.51
CA LEU B 212 10.33 -1.27 11.83
C LEU B 212 11.02 -2.54 12.32
N ASP B 213 11.12 -3.53 11.44
CA ASP B 213 11.70 -4.83 11.78
C ASP B 213 13.19 -4.74 12.08
N TRP B 214 13.90 -3.87 11.38
CA TRP B 214 15.32 -3.66 11.64
C TRP B 214 15.50 -2.97 13.00
N THR B 215 14.63 -2.01 13.28
CA THR B 215 14.68 -1.24 14.52
C THR B 215 14.42 -2.15 15.73
N SER B 216 13.36 -2.94 15.66
CA SER B 216 13.02 -3.81 16.79
C SER B 216 14.01 -4.97 16.93
N PHE B 217 14.58 -5.43 15.80
CA PHE B 217 15.60 -6.47 15.87
C PHE B 217 16.87 -5.94 16.55
N ASN B 218 17.17 -4.66 16.32
CA ASN B 218 18.40 -4.03 16.83
C ASN B 218 18.19 -3.15 18.06
N GLN B 219 17.00 -3.24 18.67
CA GLN B 219 16.60 -2.25 19.68
C GLN B 219 17.47 -2.22 20.93
N GLU B 220 17.98 -3.38 21.34
CA GLU B 220 18.91 -3.46 22.47
C GLU B 220 20.17 -2.62 22.23
N ARG B 221 20.54 -2.42 20.97
CA ARG B 221 21.69 -1.60 20.60
C ARG B 221 21.40 -0.10 20.62
N ILE B 222 20.22 0.28 20.10
CA ILE B 222 20.00 1.68 19.72
C ILE B 222 19.01 2.49 20.55
N VAL B 223 18.08 1.82 21.26
CA VAL B 223 17.00 2.53 21.96
C VAL B 223 17.54 3.49 23.02
N ASP B 224 18.43 3.00 23.87
CA ASP B 224 18.90 3.74 25.05
C ASP B 224 19.92 4.85 24.76
N VAL B 225 20.57 4.82 23.60
CA VAL B 225 21.49 5.89 23.20
C VAL B 225 20.74 7.16 22.76
N ALA B 226 19.48 6.99 22.37
CA ALA B 226 18.63 8.11 21.98
C ALA B 226 18.26 8.96 23.20
N GLY B 227 18.12 10.27 23.00
CA GLY B 227 17.86 11.21 24.07
C GLY B 227 18.00 12.63 23.55
N PRO B 228 17.55 13.63 24.33
CA PRO B 228 17.71 15.03 23.99
C PRO B 228 19.10 15.34 23.43
N GLY B 229 19.12 15.82 22.18
CA GLY B 229 20.36 16.18 21.51
C GLY B 229 20.97 15.10 20.61
N GLY B 230 20.38 13.90 20.64
CA GLY B 230 20.86 12.78 19.83
C GLY B 230 19.80 11.71 19.60
N TRP B 231 19.33 11.61 18.35
CA TRP B 231 18.23 10.74 18.01
C TRP B 231 18.57 9.72 16.91
N ASN B 232 17.97 8.54 17.02
CA ASN B 232 17.97 7.58 15.91
C ASN B 232 17.07 8.12 14.81
N ASP B 233 17.53 8.00 13.57
CA ASP B 233 16.75 8.46 12.42
C ASP B 233 16.37 7.28 11.52
N PRO B 234 15.07 6.89 11.56
CA PRO B 234 14.51 5.84 10.71
C PRO B 234 14.07 6.35 9.33
N ASP B 235 14.41 7.60 9.03
CA ASP B 235 14.19 8.23 7.71
C ASP B 235 12.86 8.98 7.57
N MET B 236 12.66 9.58 6.40
CA MET B 236 11.58 10.52 6.12
C MET B 236 10.18 9.95 6.31
N LEU B 237 9.28 10.83 6.74
CA LEU B 237 7.84 10.54 6.70
C LEU B 237 7.38 10.63 5.25
N VAL B 238 6.65 9.62 4.80
CA VAL B 238 6.24 9.57 3.39
C VAL B 238 4.73 9.64 3.24
N ILE B 239 4.06 9.95 4.33
CA ILE B 239 2.63 10.22 4.32
C ILE B 239 2.32 11.38 3.35
N GLY B 240 1.26 11.22 2.57
CA GLY B 240 0.79 12.27 1.65
C GLY B 240 1.17 12.03 0.21
N ASN B 241 1.88 10.93 -0.05
CA ASN B 241 2.27 10.56 -1.41
C ASN B 241 1.33 9.48 -1.98
N PHE B 242 1.87 8.36 -2.45
CA PHE B 242 1.10 7.47 -3.34
C PHE B 242 1.03 6.00 -2.93
N GLY B 243 2.00 5.57 -2.13
CA GLY B 243 2.27 4.14 -1.94
C GLY B 243 1.65 3.48 -0.73
N LEU B 244 1.21 4.29 0.25
CA LEU B 244 0.64 3.78 1.48
C LEU B 244 -0.87 3.96 1.54
N SER B 245 -1.57 2.90 1.96
CA SER B 245 -2.97 3.03 2.33
C SER B 245 -3.08 3.87 3.59
N TRP B 246 -4.28 4.40 3.83
CA TRP B 246 -4.55 5.20 5.03
C TRP B 246 -4.05 4.53 6.31
N ASN B 247 -4.31 3.23 6.43
CA ASN B 247 -3.88 2.47 7.59
C ASN B 247 -2.36 2.36 7.72
N GLN B 248 -1.68 2.26 6.59
CA GLN B 248 -0.21 2.20 6.56
C GLN B 248 0.40 3.56 6.90
N GLN B 249 -0.28 4.63 6.48
CA GLN B 249 0.06 5.99 6.90
C GLN B 249 -0.10 6.19 8.41
N VAL B 250 -1.21 5.70 8.97
CA VAL B 250 -1.42 5.73 10.42
C VAL B 250 -0.26 5.01 11.14
N THR B 251 0.10 3.84 10.63
CA THR B 251 1.20 3.07 11.21
C THR B 251 2.52 3.85 11.24
N GLN B 252 2.87 4.52 10.14
CA GLN B 252 4.12 5.31 10.11
C GLN B 252 4.11 6.46 11.10
N MET B 253 3.01 7.22 11.13
CA MET B 253 2.90 8.34 12.05
C MET B 253 2.99 7.88 13.51
N ALA B 254 2.18 6.88 13.86
CA ALA B 254 2.16 6.32 15.21
C ALA B 254 3.55 5.85 15.63
N LEU B 255 4.20 5.07 14.78
CA LEU B 255 5.46 4.45 15.15
C LEU B 255 6.65 5.42 15.16
N TRP B 256 6.64 6.43 14.28
CA TRP B 256 7.67 7.48 14.32
C TRP B 256 7.55 8.33 15.60
N ALA B 257 6.34 8.40 16.17
CA ALA B 257 6.10 9.02 17.48
C ALA B 257 6.70 8.18 18.61
N ILE B 258 6.44 6.87 18.57
CA ILE B 258 7.00 5.91 19.51
C ILE B 258 8.52 5.94 19.48
N MET B 259 9.09 6.00 18.27
CA MET B 259 10.55 5.86 18.15
C MET B 259 11.33 7.14 18.42
N ALA B 260 10.64 8.21 18.83
CA ALA B 260 11.30 9.51 19.05
C ALA B 260 12.13 9.86 17.81
N ALA B 261 11.46 9.81 16.66
CA ALA B 261 12.12 9.98 15.38
C ALA B 261 12.08 11.43 14.93
N PRO B 262 13.17 11.91 14.33
CA PRO B 262 13.03 13.17 13.60
C PRO B 262 11.90 13.02 12.60
N LEU B 263 11.06 14.04 12.51
CA LEU B 263 9.92 14.03 11.61
C LEU B 263 10.17 14.93 10.41
N PHE B 264 10.78 14.36 9.37
CA PHE B 264 11.01 15.06 8.12
C PHE B 264 10.07 14.54 7.05
N MET B 265 9.03 15.31 6.74
CA MET B 265 8.11 14.95 5.67
C MET B 265 8.88 15.05 4.36
N SER B 266 8.65 14.07 3.49
CA SER B 266 9.05 14.21 2.10
C SER B 266 7.80 13.99 1.26
N ASN B 267 7.22 15.08 0.81
CA ASN B 267 5.96 15.06 0.09
C ASN B 267 5.81 16.36 -0.70
N ASP B 268 4.66 16.55 -1.34
CA ASP B 268 4.37 17.79 -2.01
C ASP B 268 3.28 18.53 -1.23
N LEU B 269 3.67 19.59 -0.52
CA LEU B 269 2.71 20.40 0.25
C LEU B 269 1.69 21.14 -0.61
N ARG B 270 1.99 21.27 -1.90
CA ARG B 270 1.07 21.88 -2.88
C ARG B 270 -0.04 20.91 -3.28
N HIS B 271 0.23 19.61 -3.18
CA HIS B 271 -0.72 18.58 -3.60
C HIS B 271 -0.79 17.49 -2.55
N ILE B 272 -1.57 17.73 -1.50
CA ILE B 272 -1.66 16.79 -0.39
C ILE B 272 -3.10 16.75 0.15
N SER B 273 -3.62 15.54 0.39
CA SER B 273 -5.02 15.37 0.81
C SER B 273 -5.28 15.98 2.19
N PRO B 274 -6.53 16.43 2.45
CA PRO B 274 -6.88 16.92 3.79
C PRO B 274 -6.69 15.86 4.88
N GLN B 275 -6.91 14.60 4.51
CA GLN B 275 -6.76 13.47 5.43
C GLN B 275 -5.28 13.29 5.83
N ALA B 276 -4.39 13.24 4.84
CA ALA B 276 -2.95 13.16 5.11
C ALA B 276 -2.41 14.35 5.92
N LYS B 277 -2.87 15.55 5.56
CA LYS B 277 -2.51 16.78 6.27
C LYS B 277 -2.90 16.70 7.75
N ALA B 278 -4.14 16.30 8.02
CA ALA B 278 -4.66 16.16 9.38
C ALA B 278 -3.83 15.18 10.23
N LEU B 279 -3.41 14.06 9.63
CA LEU B 279 -2.57 13.08 10.31
C LEU B 279 -1.18 13.64 10.61
N LEU B 280 -0.52 14.19 9.60
CA LEU B 280 0.80 14.82 9.78
C LEU B 280 0.79 15.98 10.79
N GLN B 281 -0.36 16.65 10.94
CA GLN B 281 -0.51 17.79 11.85
C GLN B 281 -1.20 17.45 13.18
N ASP B 282 -1.43 16.16 13.43
CA ASP B 282 -2.09 15.70 14.66
C ASP B 282 -1.28 16.09 15.88
N LYS B 283 -1.79 17.03 16.66
CA LYS B 283 -1.05 17.64 17.79
C LYS B 283 -0.76 16.68 18.95
N ASP B 284 -1.66 15.74 19.18
CA ASP B 284 -1.49 14.74 20.22
C ASP B 284 -0.40 13.74 19.86
N VAL B 285 -0.40 13.30 18.60
CA VAL B 285 0.62 12.39 18.09
C VAL B 285 1.98 13.09 18.04
N ILE B 286 2.00 14.33 17.54
CA ILE B 286 3.21 15.16 17.52
C ILE B 286 3.74 15.41 18.94
N ALA B 287 2.83 15.57 19.91
CA ALA B 287 3.23 15.78 21.30
C ALA B 287 3.93 14.54 21.86
N ILE B 288 3.45 13.36 21.50
CA ILE B 288 4.14 12.13 21.89
C ILE B 288 5.56 12.14 21.33
N ASN B 289 5.71 12.31 20.02
CA ASN B 289 7.02 12.38 19.38
C ASN B 289 7.93 13.42 20.05
N GLN B 290 7.35 14.58 20.36
CA GLN B 290 8.08 15.71 20.92
C GLN B 290 8.15 15.70 22.45
N ASP B 291 7.87 14.55 23.06
CA ASP B 291 7.84 14.48 24.53
C ASP B 291 9.18 14.91 25.13
N PRO B 292 9.15 15.83 26.11
CA PRO B 292 10.36 16.41 26.72
C PRO B 292 11.29 15.43 27.45
N LEU B 293 10.77 14.29 27.92
CA LEU B 293 11.61 13.22 28.52
C LEU B 293 12.65 12.73 27.51
N GLY B 294 12.28 12.72 26.23
CA GLY B 294 13.20 12.34 25.16
C GLY B 294 13.68 10.92 25.25
N LYS B 295 12.80 10.02 25.68
CA LYS B 295 13.12 8.61 25.84
C LYS B 295 12.47 7.82 24.70
N GLN B 296 13.28 7.13 23.92
CA GLN B 296 12.77 6.38 22.76
C GLN B 296 12.01 5.14 23.22
N GLY B 297 10.92 4.82 22.51
CA GLY B 297 10.13 3.62 22.77
C GLY B 297 10.73 2.37 22.16
N TYR B 298 10.00 1.27 22.27
CA TYR B 298 10.56 -0.05 21.94
C TYR B 298 9.44 -1.03 21.69
N GLN B 299 9.77 -2.18 21.09
CA GLN B 299 8.81 -3.25 20.93
C GLN B 299 8.70 -4.08 22.21
N LEU B 300 7.49 -4.15 22.76
CA LEU B 300 7.21 -4.89 23.98
C LEU B 300 6.93 -6.36 23.65
N ARG B 301 6.09 -6.59 22.65
CA ARG B 301 5.62 -7.93 22.28
C ARG B 301 5.54 -8.10 20.77
N GLN B 302 5.62 -9.37 20.33
CA GLN B 302 5.47 -9.77 18.95
C GLN B 302 4.90 -11.20 18.95
N GLY B 303 4.00 -11.48 18.01
CA GLY B 303 3.37 -12.80 17.93
C GLY B 303 1.98 -12.74 17.31
N ASP B 304 1.61 -13.82 16.62
CA ASP B 304 0.33 -13.94 15.92
C ASP B 304 0.07 -12.75 15.00
N ASN B 305 1.12 -12.33 14.29
CA ASN B 305 1.09 -11.17 13.40
C ASN B 305 0.59 -9.88 14.07
N PHE B 306 0.89 -9.74 15.36
CA PHE B 306 0.65 -8.52 16.13
C PHE B 306 1.97 -7.97 16.66
N GLU B 307 2.05 -6.66 16.84
CA GLU B 307 3.16 -6.05 17.54
C GLU B 307 2.62 -5.07 18.57
N VAL B 308 3.23 -5.08 19.76
CA VAL B 308 2.94 -4.07 20.77
C VAL B 308 4.23 -3.29 21.06
N TRP B 309 4.20 -2.01 20.74
CA TRP B 309 5.27 -1.08 21.10
C TRP B 309 4.74 -0.15 22.19
N GLU B 310 5.65 0.37 23.01
CA GLU B 310 5.29 1.38 24.00
C GLU B 310 6.41 2.41 24.16
N ARG B 311 6.06 3.59 24.67
CA ARG B 311 7.04 4.63 24.93
C ARG B 311 6.76 5.36 26.23
N PRO B 312 7.76 5.42 27.12
CA PRO B 312 7.58 6.24 28.33
C PRO B 312 7.64 7.74 28.01
N LEU B 313 6.65 8.47 28.54
CA LEU B 313 6.59 9.91 28.39
C LEU B 313 6.77 10.55 29.75
N SER B 314 6.96 11.86 29.79
CA SER B 314 7.09 12.59 31.05
C SER B 314 5.79 12.56 31.84
N GLY B 315 5.92 12.66 33.17
CA GLY B 315 4.76 12.67 34.05
C GLY B 315 4.06 11.34 34.17
N LEU B 316 4.83 10.26 34.08
CA LEU B 316 4.34 8.88 34.27
C LEU B 316 3.28 8.46 33.24
N ALA B 317 3.29 9.12 32.08
CA ALA B 317 2.38 8.78 30.98
C ALA B 317 3.08 7.85 29.99
N TRP B 318 2.29 7.07 29.26
CA TRP B 318 2.80 6.16 28.23
C TRP B 318 2.02 6.25 26.95
N ALA B 319 2.74 6.09 25.84
CA ALA B 319 2.13 5.86 24.54
C ALA B 319 2.28 4.37 24.22
N VAL B 320 1.21 3.77 23.70
CA VAL B 320 1.19 2.35 23.35
C VAL B 320 0.68 2.21 21.92
N ALA B 321 1.45 1.49 21.09
CA ALA B 321 1.07 1.22 19.71
C ALA B 321 0.85 -0.28 19.48
N MET B 322 -0.32 -0.62 18.94
CA MET B 322 -0.61 -2.00 18.56
C MET B 322 -0.76 -2.12 17.04
N ILE B 323 0.12 -2.91 16.43
CA ILE B 323 0.15 -3.13 14.98
C ILE B 323 -0.45 -4.48 14.61
N ASN B 324 -1.25 -4.48 13.55
CA ASN B 324 -1.74 -5.72 12.95
C ASN B 324 -0.99 -5.98 11.65
N ARG B 325 -0.15 -7.02 11.65
CA ARG B 325 0.72 -7.32 10.50
C ARG B 325 0.12 -8.38 9.58
N GLN B 326 -1.07 -8.88 9.91
CA GLN B 326 -1.76 -9.81 9.03
C GLN B 326 -2.44 -9.03 7.90
N GLU B 327 -2.04 -9.33 6.67
CA GLU B 327 -2.44 -8.51 5.50
C GLU B 327 -3.55 -9.17 4.68
N ILE B 328 -4.50 -9.77 5.38
CA ILE B 328 -5.64 -10.47 4.80
C ILE B 328 -6.80 -10.40 5.80
N GLY B 329 -8.03 -10.58 5.32
CA GLY B 329 -9.19 -10.48 6.19
C GLY B 329 -9.54 -9.07 6.65
N GLY B 330 -10.09 -8.98 7.86
CA GLY B 330 -10.55 -7.70 8.42
C GLY B 330 -9.90 -7.39 9.77
N PRO B 331 -10.46 -6.39 10.48
CA PRO B 331 -9.94 -5.97 11.79
C PRO B 331 -9.82 -7.16 12.77
N ARG B 332 -8.70 -7.21 13.48
CA ARG B 332 -8.43 -8.31 14.41
C ARG B 332 -8.48 -7.84 15.87
N SER B 333 -9.14 -8.60 16.73
CA SER B 333 -9.20 -8.24 18.14
C SER B 333 -7.88 -8.54 18.85
N TYR B 334 -7.52 -7.67 19.78
CA TYR B 334 -6.32 -7.83 20.59
C TYR B 334 -6.61 -7.36 22.01
N THR B 335 -6.29 -8.23 22.99
CA THR B 335 -6.45 -7.87 24.39
C THR B 335 -5.12 -7.99 25.14
N ILE B 336 -4.93 -7.08 26.08
CA ILE B 336 -3.74 -7.09 26.92
C ILE B 336 -4.10 -6.58 28.31
N ALA B 337 -3.52 -7.18 29.34
CA ALA B 337 -3.66 -6.70 30.71
C ALA B 337 -2.89 -5.40 30.84
N VAL B 338 -3.53 -4.38 31.39
CA VAL B 338 -2.91 -3.04 31.48
C VAL B 338 -1.70 -3.06 32.42
N ALA B 339 -1.64 -4.07 33.29
CA ALA B 339 -0.49 -4.32 34.16
C ALA B 339 0.76 -4.70 33.36
N SER B 340 0.58 -5.22 32.15
CA SER B 340 1.70 -5.55 31.27
C SER B 340 2.32 -4.30 30.62
N LEU B 341 1.55 -3.22 30.58
CA LEU B 341 1.95 -1.98 29.91
C LEU B 341 2.72 -1.07 30.87
N GLY B 342 3.64 -0.28 30.32
CA GLY B 342 4.39 0.72 31.07
C GLY B 342 5.17 0.18 32.24
N LYS B 343 5.62 -1.08 32.10
CA LYS B 343 6.32 -1.82 33.16
C LYS B 343 5.52 -1.88 34.46
N GLY B 344 4.20 -2.00 34.32
CA GLY B 344 3.29 -2.07 35.47
C GLY B 344 3.12 -0.76 36.22
N VAL B 345 3.77 0.30 35.73
CA VAL B 345 3.74 1.60 36.39
C VAL B 345 2.60 2.46 35.86
N ALA B 346 2.44 2.51 34.54
CA ALA B 346 1.25 3.09 33.95
C ALA B 346 0.10 2.22 34.41
N CYS B 347 -0.96 2.87 34.89
CA CYS B 347 -2.20 2.20 35.34
C CYS B 347 -2.14 1.65 36.77
N ASN B 348 -1.13 2.06 37.52
CA ASN B 348 -1.02 1.72 38.93
C ASN B 348 -1.22 2.97 39.78
N PRO B 349 -2.33 3.05 40.54
CA PRO B 349 -3.41 2.06 40.67
C PRO B 349 -4.44 2.13 39.55
N ALA B 350 -4.40 3.21 38.76
CA ALA B 350 -5.26 3.38 37.59
C ALA B 350 -4.58 4.21 36.49
N CYS B 351 -5.13 4.12 35.29
CA CYS B 351 -4.80 5.03 34.19
C CYS B 351 -6.05 5.40 33.39
N PHE B 352 -6.08 6.62 32.86
CA PHE B 352 -7.09 7.03 31.88
C PHE B 352 -6.51 6.84 30.48
N ILE B 353 -7.15 5.97 29.70
CA ILE B 353 -6.70 5.64 28.34
C ILE B 353 -7.49 6.40 27.28
N THR B 354 -6.77 7.14 26.43
CA THR B 354 -7.35 7.84 25.30
C THR B 354 -6.75 7.28 24.01
N GLN B 355 -7.61 6.81 23.11
CA GLN B 355 -7.17 6.39 21.78
C GLN B 355 -6.87 7.63 20.94
N LEU B 356 -5.73 7.60 20.26
CA LEU B 356 -5.34 8.73 19.41
C LEU B 356 -5.44 8.39 17.93
N LEU B 357 -5.11 7.15 17.58
CA LEU B 357 -5.16 6.67 16.20
C LEU B 357 -5.80 5.28 16.17
N PRO B 358 -6.56 4.96 15.10
CA PRO B 358 -6.82 5.77 13.90
C PRO B 358 -7.73 6.98 14.13
N VAL B 359 -8.57 6.94 15.15
CA VAL B 359 -9.39 8.11 15.53
C VAL B 359 -9.23 8.42 17.02
N LYS B 360 -9.44 9.68 17.39
CA LYS B 360 -9.34 10.08 18.79
C LYS B 360 -10.62 9.75 19.55
N ARG B 361 -10.49 8.92 20.57
CA ARG B 361 -11.62 8.46 21.34
C ARG B 361 -11.17 8.21 22.77
N LYS B 362 -11.90 8.75 23.74
CA LYS B 362 -11.62 8.45 25.14
C LYS B 362 -12.11 7.05 25.44
N LEU B 363 -11.23 6.21 25.98
CA LEU B 363 -11.59 4.83 26.32
C LEU B 363 -12.00 4.66 27.79
N GLY B 364 -11.59 5.60 28.64
CA GLY B 364 -12.03 5.61 30.05
C GLY B 364 -10.97 5.22 31.07
N PHE B 365 -11.41 5.02 32.30
CA PHE B 365 -10.52 4.61 33.40
C PHE B 365 -10.29 3.11 33.39
N TYR B 366 -9.02 2.73 33.54
CA TYR B 366 -8.65 1.33 33.63
C TYR B 366 -7.88 1.12 34.93
N GLU B 367 -8.40 0.24 35.76
CA GLU B 367 -7.75 -0.16 37.01
C GLU B 367 -6.52 -1.01 36.70
N TRP B 368 -5.62 -1.15 37.67
CA TRP B 368 -4.38 -1.92 37.46
C TRP B 368 -4.60 -3.38 37.06
N THR B 369 -5.66 -3.99 37.57
CA THR B 369 -5.97 -5.39 37.31
C THR B 369 -6.81 -5.60 36.03
N SER B 370 -7.15 -4.50 35.34
CA SER B 370 -8.08 -4.55 34.22
C SER B 370 -7.41 -4.94 32.88
N ARG B 371 -8.24 -5.26 31.89
CA ARG B 371 -7.76 -5.57 30.55
C ARG B 371 -8.21 -4.55 29.52
N LEU B 372 -7.28 -4.16 28.65
CA LEU B 372 -7.59 -3.32 27.52
C LEU B 372 -7.89 -4.21 26.31
N ARG B 373 -9.05 -3.96 25.69
CA ARG B 373 -9.49 -4.74 24.55
C ARG B 373 -9.63 -3.84 23.34
N SER B 374 -8.99 -4.24 22.24
CA SER B 374 -9.02 -3.40 21.03
C SER B 374 -9.15 -4.20 19.74
N HIS B 375 -9.41 -3.48 18.65
CA HIS B 375 -9.48 -4.05 17.31
C HIS B 375 -8.57 -3.25 16.39
N ILE B 376 -7.80 -3.94 15.57
CA ILE B 376 -6.79 -3.31 14.72
C ILE B 376 -6.91 -3.74 13.26
N ASN B 377 -6.99 -2.75 12.36
CA ASN B 377 -7.12 -3.01 10.94
C ASN B 377 -5.84 -3.63 10.38
N PRO B 378 -5.98 -4.54 9.40
CA PRO B 378 -4.81 -5.05 8.69
C PRO B 378 -3.88 -3.90 8.26
N THR B 379 -2.60 -4.02 8.61
CA THR B 379 -1.54 -3.04 8.32
C THR B 379 -1.71 -1.72 9.07
N GLY B 380 -2.76 -1.64 9.89
CA GLY B 380 -3.01 -0.46 10.71
C GLY B 380 -2.37 -0.58 12.09
N THR B 381 -2.42 0.54 12.81
CA THR B 381 -1.93 0.63 14.18
C THR B 381 -2.98 1.35 15.02
N VAL B 382 -3.20 0.86 16.24
CA VAL B 382 -3.94 1.62 17.24
C VAL B 382 -2.93 2.29 18.18
N LEU B 383 -3.01 3.61 18.29
CA LEU B 383 -2.14 4.36 19.19
C LEU B 383 -2.93 4.91 20.37
N LEU B 384 -2.48 4.56 21.57
CA LEU B 384 -3.14 4.94 22.81
C LEU B 384 -2.21 5.75 23.68
N GLN B 385 -2.80 6.70 24.40
CA GLN B 385 -2.07 7.40 25.45
C GLN B 385 -2.65 7.02 26.80
N LEU B 386 -1.76 6.62 27.70
CA LEU B 386 -2.12 6.21 29.06
C LEU B 386 -1.68 7.29 30.05
N GLU B 387 -2.63 7.83 30.80
CA GLU B 387 -2.34 8.84 31.81
C GLU B 387 -2.51 8.25 33.20
N ASN B 388 -1.42 8.16 33.94
CA ASN B 388 -1.45 7.65 35.31
C ASN B 388 -2.25 8.58 36.22
N THR B 389 -3.25 8.01 36.89
CA THR B 389 -4.14 8.80 37.76
C THR B 389 -4.38 8.13 39.10
N MET B 390 -4.72 8.95 40.08
CA MET B 390 -5.10 8.48 41.40
C MET B 390 -6.61 8.23 41.43
N GLN B 391 -7.34 8.86 40.51
CA GLN B 391 -8.81 8.74 40.39
C GLN B 391 -9.22 7.42 39.75
#